data_4JXK
#
_entry.id   4JXK
#
_cell.length_a   94.333
_cell.length_b   94.333
_cell.length_c   150.159
_cell.angle_alpha   90.00
_cell.angle_beta   90.00
_cell.angle_gamma   90.00
#
_symmetry.space_group_name_H-M   'P 43 21 2'
#
loop_
_entity.id
_entity.type
_entity.pdbx_description
1 polymer oxidoreductase
2 non-polymer 1,2-ETHANEDIOL
3 non-polymer 'CHLORIDE ION'
4 water water
#
_entity_poly.entity_id   1
_entity_poly.type   'polypeptide(L)'
_entity_poly.pdbx_seq_one_letter_code
;MHHHHHHSSGVDLGTENLYFQSMKEFTAWIARENEGAIGLSQETVGESFLPQGEVTIQVEYSSVNFKDALALTPKGGVVR
EYPIVPGIDVAGTVVESQSPEFSVGDTVVAHGYDIGTARHGGYAQFARVPADWVVKLDGMSTRTAAAIGTAGFTAAMSVE
ALQSRGVEPGNGPVLVTGASGGVGTVAVDLLSAAGFEVVASSGKPEKAELLTQLGASKVIGRLPEPDTKPRPLGKAQWAA
AVDCVGGATLAHVLSTIEYGGAVAASGLTGGPKLETTVLPFILRGVSLLGIDSVQYPIDQRRRLWGRLASDLAPSRLESI
THDVPIADVVSVIDQVRAGTYSGRAVVAVAP
;
_entity_poly.pdbx_strand_id   A,B
#
# COMPACT_ATOMS: atom_id res chain seq x y z
N GLU A 25 -35.14 -33.35 6.36
CA GLU A 25 -34.64 -33.36 4.95
C GLU A 25 -35.07 -32.11 4.16
N PHE A 26 -34.22 -31.68 3.22
CA PHE A 26 -34.44 -30.43 2.48
C PHE A 26 -33.82 -30.49 1.08
N THR A 27 -34.05 -29.46 0.28
CA THR A 27 -33.53 -29.37 -1.08
C THR A 27 -32.18 -28.62 -1.15
N ALA A 28 -31.20 -29.25 -1.81
CA ALA A 28 -29.89 -28.63 -2.10
C ALA A 28 -29.61 -28.61 -3.63
N TRP A 29 -28.99 -27.55 -4.11
CA TRP A 29 -28.55 -27.50 -5.51
C TRP A 29 -27.04 -27.75 -5.53
N ILE A 30 -26.71 -28.96 -5.96
CA ILE A 30 -25.37 -29.51 -5.79
C ILE A 30 -24.62 -29.55 -7.13
N ALA A 31 -23.38 -29.06 -7.11
CA ALA A 31 -22.52 -29.10 -8.29
C ALA A 31 -21.77 -30.43 -8.26
N ARG A 32 -21.91 -31.21 -9.33
CA ARG A 32 -21.21 -32.48 -9.48
C ARG A 32 -20.44 -32.51 -10.79
N GLU A 33 -19.32 -33.21 -10.75
CA GLU A 33 -18.46 -33.35 -11.92
C GLU A 33 -18.85 -34.66 -12.59
N ASN A 34 -19.18 -34.61 -13.87
CA ASN A 34 -19.54 -35.81 -14.61
C ASN A 34 -18.82 -35.85 -15.95
N GLU A 35 -17.82 -36.73 -16.04
CA GLU A 35 -17.10 -36.97 -17.29
C GLU A 35 -16.57 -35.66 -17.89
N GLY A 36 -15.98 -34.82 -17.04
CA GLY A 36 -15.41 -33.55 -17.48
C GLY A 36 -16.33 -32.34 -17.41
N ALA A 37 -17.65 -32.55 -17.38
CA ALA A 37 -18.62 -31.45 -17.30
C ALA A 37 -19.03 -31.22 -15.85
N ILE A 38 -19.42 -29.99 -15.54
CA ILE A 38 -19.95 -29.65 -14.23
C ILE A 38 -21.41 -29.16 -14.34
N GLY A 39 -22.30 -29.85 -13.65
CA GLY A 39 -23.72 -29.51 -13.63
C GLY A 39 -24.26 -29.29 -12.23
N LEU A 40 -25.31 -28.49 -12.18
CA LEU A 40 -26.05 -28.26 -10.95
C LEU A 40 -27.24 -29.21 -10.88
N SER A 41 -27.32 -29.96 -9.81
CA SER A 41 -28.33 -31.00 -9.61
C SER A 41 -29.22 -30.67 -8.39
N GLN A 42 -30.54 -30.49 -8.61
CA GLN A 42 -31.48 -30.26 -7.51
C GLN A 42 -31.76 -31.58 -6.82
N GLU A 43 -31.41 -31.70 -5.55
CA GLU A 43 -31.54 -32.97 -4.83
C GLU A 43 -32.04 -32.80 -3.41
N THR A 44 -32.80 -33.80 -2.97
CA THR A 44 -33.25 -33.90 -1.61
C THR A 44 -32.13 -34.44 -0.79
N VAL A 45 -31.85 -33.78 0.33
CA VAL A 45 -30.77 -34.16 1.24
C VAL A 45 -31.18 -34.06 2.69
N GLY A 46 -30.43 -34.72 3.57
CA GLY A 46 -30.69 -34.70 5.01
C GLY A 46 -29.63 -33.93 5.78
N GLU A 47 -29.82 -33.82 7.10
CA GLU A 47 -28.96 -32.97 7.94
C GLU A 47 -27.50 -33.36 7.82
N SER A 48 -27.24 -34.66 7.82
CA SER A 48 -25.86 -35.19 7.84
C SER A 48 -24.98 -34.67 6.70
N PHE A 49 -25.62 -34.26 5.61
CA PHE A 49 -24.95 -33.66 4.45
C PHE A 49 -24.35 -32.28 4.73
N LEU A 50 -24.93 -31.54 5.68
CA LEU A 50 -24.41 -30.22 6.10
C LEU A 50 -23.04 -30.35 6.74
N PRO A 51 -22.16 -29.36 6.51
CA PRO A 51 -20.85 -29.37 7.16
C PRO A 51 -20.96 -28.92 8.60
N GLN A 52 -19.84 -29.01 9.32
CA GLN A 52 -19.80 -28.75 10.75
C GLN A 52 -19.92 -27.26 11.03
N GLY A 53 -20.58 -26.91 12.13
CA GLY A 53 -20.63 -25.51 12.55
C GLY A 53 -21.73 -25.24 13.54
N GLU A 54 -21.56 -24.16 14.29
CA GLU A 54 -22.44 -23.85 15.41
C GLU A 54 -23.77 -23.27 14.98
N VAL A 55 -23.82 -22.64 13.81
CA VAL A 55 -25.01 -21.91 13.39
C VAL A 55 -25.63 -22.51 12.17
N THR A 56 -26.92 -22.83 12.27
CA THR A 56 -27.68 -23.33 11.13
C THR A 56 -28.58 -22.25 10.61
N ILE A 57 -28.44 -21.96 9.31
CA ILE A 57 -29.19 -20.91 8.68
C ILE A 57 -30.19 -21.46 7.69
N GLN A 58 -31.44 -21.01 7.80
CA GLN A 58 -32.42 -21.20 6.76
C GLN A 58 -32.20 -20.11 5.75
N VAL A 59 -31.77 -20.53 4.55
CA VAL A 59 -31.18 -19.57 3.63
C VAL A 59 -32.31 -18.87 2.94
N GLU A 60 -32.31 -17.55 2.96
CA GLU A 60 -33.36 -16.79 2.28
C GLU A 60 -32.89 -16.30 0.92
N TYR A 61 -31.68 -15.74 0.88
CA TYR A 61 -31.09 -15.28 -0.36
C TYR A 61 -29.62 -15.63 -0.53
N SER A 62 -29.24 -15.84 -1.77
CA SER A 62 -27.86 -15.96 -2.18
C SER A 62 -27.68 -15.07 -3.39
N SER A 63 -26.59 -15.26 -4.11
CA SER A 63 -26.32 -14.41 -5.25
C SER A 63 -25.57 -15.17 -6.32
N VAL A 64 -25.50 -14.57 -7.50
CA VAL A 64 -24.62 -15.07 -8.54
C VAL A 64 -23.44 -14.14 -8.76
N ASN A 65 -22.25 -14.67 -8.54
CA ASN A 65 -20.99 -13.98 -8.87
C ASN A 65 -20.25 -14.80 -9.90
N PHE A 66 -19.29 -14.16 -10.55
CA PHE A 66 -18.45 -14.81 -11.54
C PHE A 66 -17.75 -15.97 -10.85
N LYS A 67 -17.34 -15.74 -9.60
CA LYS A 67 -16.75 -16.80 -8.82
C LYS A 67 -17.66 -18.02 -8.66
N ASP A 68 -18.98 -17.79 -8.55
CA ASP A 68 -19.93 -18.90 -8.48
C ASP A 68 -20.10 -19.63 -9.83
N ALA A 69 -20.08 -18.86 -10.92
CA ALA A 69 -20.05 -19.41 -12.26
C ALA A 69 -18.84 -20.32 -12.48
N LEU A 70 -17.69 -19.91 -11.97
CA LEU A 70 -16.47 -20.70 -12.07
C LEU A 70 -16.53 -21.97 -11.28
N ALA A 71 -17.24 -21.92 -10.17
CA ALA A 71 -17.45 -23.12 -9.39
C ALA A 71 -18.19 -24.15 -10.23
N LEU A 72 -19.03 -23.65 -11.14
CA LEU A 72 -19.82 -24.48 -12.03
C LEU A 72 -19.16 -24.54 -13.43
N THR A 73 -17.83 -24.43 -13.48
CA THR A 73 -17.06 -24.43 -14.72
C THR A 73 -15.91 -25.46 -14.61
N PRO A 74 -15.74 -26.30 -15.66
CA PRO A 74 -14.79 -27.40 -15.68
C PRO A 74 -13.40 -27.16 -15.07
N LYS A 75 -12.68 -26.13 -15.51
CA LYS A 75 -11.38 -25.87 -14.91
C LYS A 75 -11.39 -24.57 -14.15
N GLY A 76 -12.53 -24.30 -13.52
CA GLY A 76 -12.76 -23.01 -12.91
C GLY A 76 -11.68 -22.59 -11.93
N GLY A 77 -11.08 -23.56 -11.22
CA GLY A 77 -10.02 -23.25 -10.25
C GLY A 77 -10.47 -22.68 -8.90
N VAL A 78 -11.76 -22.81 -8.59
CA VAL A 78 -12.36 -22.19 -7.38
C VAL A 78 -12.75 -23.23 -6.33
N VAL A 79 -13.24 -24.38 -6.78
CA VAL A 79 -13.69 -25.44 -5.88
C VAL A 79 -12.57 -26.42 -5.52
N ARG A 80 -12.36 -26.64 -4.23
CA ARG A 80 -11.41 -27.65 -3.73
C ARG A 80 -11.78 -29.06 -4.24
N GLU A 81 -12.99 -29.52 -3.96
CA GLU A 81 -13.49 -30.79 -4.55
C GLU A 81 -14.99 -30.90 -4.66
N TYR A 82 -15.43 -31.65 -5.65
CA TYR A 82 -16.84 -31.90 -5.84
C TYR A 82 -17.18 -33.21 -5.14
N PRO A 83 -18.47 -33.42 -4.83
CA PRO A 83 -19.60 -32.54 -5.04
C PRO A 83 -19.60 -31.37 -4.04
N ILE A 84 -20.20 -30.24 -4.43
CA ILE A 84 -20.34 -29.10 -3.54
C ILE A 84 -21.57 -28.27 -3.88
N VAL A 85 -22.20 -27.70 -2.85
CA VAL A 85 -23.26 -26.71 -3.04
C VAL A 85 -22.55 -25.39 -3.25
N PRO A 86 -22.68 -24.81 -4.46
CA PRO A 86 -22.04 -23.51 -4.65
C PRO A 86 -22.83 -22.35 -4.00
N GLY A 87 -22.30 -21.12 -4.12
CA GLY A 87 -22.91 -19.92 -3.61
C GLY A 87 -22.07 -19.39 -2.48
N ILE A 88 -21.20 -18.42 -2.78
CA ILE A 88 -20.32 -17.85 -1.78
C ILE A 88 -21.02 -16.91 -0.76
N ASP A 89 -22.22 -16.45 -1.09
CA ASP A 89 -22.94 -15.55 -0.19
C ASP A 89 -24.12 -16.29 0.37
N VAL A 90 -24.29 -16.23 1.68
CA VAL A 90 -25.44 -16.80 2.36
C VAL A 90 -26.14 -15.76 3.23
N ALA A 91 -27.43 -15.52 2.99
CA ALA A 91 -28.19 -14.67 3.90
C ALA A 91 -29.52 -15.35 4.30
N GLY A 92 -29.83 -15.33 5.59
CA GLY A 92 -31.07 -15.91 6.06
C GLY A 92 -31.27 -15.81 7.56
N THR A 93 -32.02 -16.78 8.08
CA THR A 93 -32.37 -16.78 9.51
C THR A 93 -31.77 -17.93 10.23
N VAL A 94 -31.22 -17.64 11.40
CA VAL A 94 -30.75 -18.66 12.29
C VAL A 94 -31.91 -19.51 12.81
N VAL A 95 -31.80 -20.82 12.63
CA VAL A 95 -32.79 -21.78 13.12
C VAL A 95 -32.24 -22.67 14.22
N GLU A 96 -30.93 -22.75 14.33
CA GLU A 96 -30.30 -23.44 15.45
C GLU A 96 -28.97 -22.77 15.68
N SER A 97 -28.56 -22.72 16.94
CA SER A 97 -27.29 -22.16 17.31
C SER A 97 -26.73 -22.77 18.57
N GLN A 98 -25.51 -23.29 18.47
CA GLN A 98 -24.81 -23.84 19.61
C GLN A 98 -23.95 -22.75 20.21
N SER A 99 -24.11 -21.53 19.70
CA SER A 99 -23.34 -20.40 20.14
C SER A 99 -24.24 -19.37 20.83
N PRO A 100 -23.80 -18.86 21.98
CA PRO A 100 -24.54 -17.83 22.70
C PRO A 100 -24.61 -16.51 21.96
N GLU A 101 -23.76 -16.31 20.96
CA GLU A 101 -23.75 -15.04 20.22
C GLU A 101 -24.89 -14.93 19.20
N PHE A 102 -25.49 -16.05 18.81
CA PHE A 102 -26.60 -16.06 17.85
C PHE A 102 -27.80 -16.79 18.40
N SER A 103 -28.98 -16.25 18.14
CA SER A 103 -30.21 -16.85 18.62
C SER A 103 -31.11 -17.21 17.47
N VAL A 104 -32.04 -18.14 17.72
CA VAL A 104 -33.07 -18.45 16.75
C VAL A 104 -33.80 -17.18 16.40
N GLY A 105 -34.09 -17.01 15.11
CA GLY A 105 -34.73 -15.80 14.61
C GLY A 105 -33.79 -14.69 14.15
N ASP A 106 -32.55 -14.68 14.62
CA ASP A 106 -31.59 -13.64 14.16
C ASP A 106 -31.46 -13.75 12.64
N THR A 107 -31.39 -12.60 11.96
CA THR A 107 -31.03 -12.55 10.56
C THR A 107 -29.52 -12.35 10.46
N VAL A 108 -28.91 -13.07 9.53
CA VAL A 108 -27.47 -13.05 9.38
C VAL A 108 -27.02 -13.07 7.92
N VAL A 109 -25.76 -12.70 7.73
CA VAL A 109 -25.08 -12.95 6.44
C VAL A 109 -23.79 -13.67 6.77
N ALA A 110 -23.44 -14.62 5.92
CA ALA A 110 -22.19 -15.36 6.02
C ALA A 110 -21.59 -15.45 4.62
N HIS A 111 -20.34 -15.06 4.52
CA HIS A 111 -19.61 -15.15 3.25
C HIS A 111 -18.09 -15.18 3.54
N GLY A 112 -17.31 -15.55 2.54
CA GLY A 112 -15.87 -15.69 2.68
C GLY A 112 -15.52 -17.05 3.28
N TYR A 113 -14.32 -17.10 3.85
CA TYR A 113 -13.70 -18.29 4.38
C TYR A 113 -13.91 -19.41 3.35
N ASP A 114 -14.41 -20.57 3.77
CA ASP A 114 -14.60 -21.69 2.87
C ASP A 114 -15.93 -21.73 2.15
N ILE A 115 -16.79 -20.74 2.37
CA ILE A 115 -18.18 -20.89 1.99
C ILE A 115 -18.38 -20.88 0.48
N GLY A 116 -19.01 -21.93 -0.04
CA GLY A 116 -19.25 -22.08 -1.48
C GLY A 116 -18.03 -22.46 -2.34
N THR A 117 -16.88 -22.73 -1.69
CA THR A 117 -15.65 -23.11 -2.40
C THR A 117 -15.07 -24.42 -1.84
N ALA A 118 -14.95 -24.50 -0.53
CA ALA A 118 -14.48 -25.72 0.12
C ALA A 118 -15.53 -26.37 1.06
N ARG A 119 -16.69 -25.77 1.20
CA ARG A 119 -17.81 -26.37 1.91
C ARG A 119 -19.10 -25.87 1.33
N HIS A 120 -20.19 -26.57 1.63
CA HIS A 120 -21.49 -26.21 1.07
C HIS A 120 -21.85 -24.77 1.40
N GLY A 121 -22.34 -24.04 0.40
CA GLY A 121 -22.67 -22.62 0.51
C GLY A 121 -24.17 -22.33 0.40
N GLY A 122 -24.53 -21.28 -0.32
CA GLY A 122 -25.85 -20.72 -0.27
C GLY A 122 -26.91 -21.28 -1.16
N TYR A 123 -26.54 -22.05 -2.19
CA TYR A 123 -27.54 -22.60 -3.11
C TYR A 123 -28.19 -23.86 -2.52
N ALA A 124 -28.80 -23.71 -1.34
CA ALA A 124 -29.49 -24.81 -0.63
C ALA A 124 -30.42 -24.20 0.42
N GLN A 125 -31.41 -24.95 0.86
CA GLN A 125 -32.43 -24.37 1.74
C GLN A 125 -31.87 -24.10 3.14
N PHE A 126 -30.90 -24.90 3.54
CA PHE A 126 -30.17 -24.68 4.80
C PHE A 126 -28.68 -24.67 4.58
N ALA A 127 -27.98 -24.00 5.49
CA ALA A 127 -26.52 -23.99 5.51
C ALA A 127 -26.04 -23.97 6.93
N ARG A 128 -24.86 -24.48 7.17
CA ARG A 128 -24.32 -24.49 8.49
C ARG A 128 -22.92 -23.98 8.47
N VAL A 129 -22.61 -23.12 9.43
CA VAL A 129 -21.31 -22.43 9.49
CA VAL A 129 -21.31 -22.42 9.49
C VAL A 129 -20.86 -22.18 10.91
N PRO A 130 -19.56 -22.05 11.13
CA PRO A 130 -19.12 -21.65 12.45
C PRO A 130 -19.62 -20.27 12.81
N ALA A 131 -19.75 -20.03 14.11
CA ALA A 131 -20.28 -18.76 14.58
C ALA A 131 -19.32 -17.62 14.25
N ASP A 132 -18.03 -17.92 14.34
CA ASP A 132 -16.91 -16.98 13.99
C ASP A 132 -16.84 -16.52 12.52
N TRP A 133 -17.69 -17.07 11.68
CA TRP A 133 -17.79 -16.66 10.30
C TRP A 133 -19.10 -15.98 10.02
N VAL A 134 -19.89 -15.70 11.05
CA VAL A 134 -21.24 -15.15 10.85
C VAL A 134 -21.33 -13.68 11.28
N VAL A 135 -22.04 -12.90 10.45
CA VAL A 135 -22.38 -11.50 10.71
C VAL A 135 -23.90 -11.36 10.99
N LYS A 136 -24.20 -10.82 12.14
CA LYS A 136 -25.57 -10.56 12.52
C LYS A 136 -26.05 -9.27 11.88
N LEU A 137 -27.17 -9.36 11.20
CA LEU A 137 -27.83 -8.21 10.60
C LEU A 137 -28.71 -7.51 11.63
N ASP A 138 -28.78 -6.19 11.55
CA ASP A 138 -29.66 -5.40 12.38
C ASP A 138 -30.70 -4.76 11.49
N GLY A 139 -30.41 -3.56 11.02
CA GLY A 139 -31.28 -2.89 10.08
C GLY A 139 -31.45 -3.56 8.74
N MET A 140 -30.36 -4.09 8.22
CA MET A 140 -30.33 -4.63 6.88
C MET A 140 -31.13 -5.92 6.71
N SER A 141 -31.87 -5.99 5.62
CA SER A 141 -32.59 -7.20 5.24
C SER A 141 -31.64 -8.26 4.70
N THR A 142 -32.07 -9.50 4.75
CA THR A 142 -31.32 -10.60 4.13
C THR A 142 -31.26 -10.41 2.59
N ARG A 143 -32.33 -9.88 1.98
CA ARG A 143 -32.29 -9.63 0.53
C ARG A 143 -31.17 -8.61 0.19
N THR A 144 -31.11 -7.52 0.91
CA THR A 144 -30.09 -6.50 0.72
C THR A 144 -28.71 -7.06 0.98
N ALA A 145 -28.57 -7.85 2.04
CA ALA A 145 -27.27 -8.36 2.40
C ALA A 145 -26.77 -9.29 1.29
N ALA A 146 -27.65 -10.12 0.73
CA ALA A 146 -27.28 -10.95 -0.45
C ALA A 146 -27.01 -10.10 -1.70
N ALA A 147 -27.82 -9.09 -1.95
CA ALA A 147 -27.62 -8.23 -3.11
C ALA A 147 -26.25 -7.49 -3.11
N ILE A 148 -25.81 -7.06 -1.94
CA ILE A 148 -24.49 -6.46 -1.74
C ILE A 148 -23.43 -7.57 -1.84
N GLY A 149 -23.51 -8.55 -0.95
CA GLY A 149 -22.71 -9.77 -1.00
C GLY A 149 -21.24 -9.50 -0.90
N THR A 150 -20.46 -10.50 -1.29
CA THR A 150 -19.02 -10.42 -1.30
C THR A 150 -18.50 -9.28 -2.21
N ALA A 151 -19.11 -9.15 -3.39
CA ALA A 151 -18.67 -8.19 -4.37
C ALA A 151 -18.79 -6.78 -3.79
N GLY A 152 -19.94 -6.48 -3.21
CA GLY A 152 -20.16 -5.16 -2.61
C GLY A 152 -19.31 -4.90 -1.39
N PHE A 153 -19.13 -5.94 -0.57
CA PHE A 153 -18.28 -5.85 0.58
C PHE A 153 -16.85 -5.52 0.16
N THR A 154 -16.39 -6.19 -0.90
CA THR A 154 -15.04 -5.98 -1.38
C THR A 154 -14.92 -4.55 -1.90
N ALA A 155 -15.96 -4.06 -2.58
CA ALA A 155 -15.94 -2.67 -3.00
C ALA A 155 -15.79 -1.72 -1.81
N ALA A 156 -16.55 -1.96 -0.75
CA ALA A 156 -16.47 -1.15 0.45
C ALA A 156 -15.11 -1.22 1.11
N MET A 157 -14.50 -2.41 1.17
CA MET A 157 -13.12 -2.50 1.65
C MET A 157 -12.15 -1.61 0.84
N SER A 158 -12.37 -1.56 -0.46
CA SER A 158 -11.45 -0.87 -1.34
C SER A 158 -11.57 0.62 -1.03
N VAL A 159 -12.80 1.10 -0.86
CA VAL A 159 -13.01 2.49 -0.53
C VAL A 159 -12.36 2.84 0.79
N GLU A 160 -12.57 2.03 1.83
CA GLU A 160 -11.87 2.27 3.08
C GLU A 160 -10.36 2.27 2.97
N ALA A 161 -9.82 1.33 2.22
CA ALA A 161 -8.36 1.30 2.06
C ALA A 161 -7.87 2.64 1.47
N LEU A 162 -8.52 3.11 0.41
CA LEU A 162 -8.08 4.37 -0.22
C LEU A 162 -8.12 5.48 0.80
N GLN A 163 -9.21 5.58 1.55
CA GLN A 163 -9.33 6.67 2.51
C GLN A 163 -8.32 6.52 3.63
N SER A 164 -7.99 5.29 4.01
CA SER A 164 -6.93 5.06 5.01
C SER A 164 -5.55 5.62 4.60
N ARG A 165 -5.36 5.89 3.31
CA ARG A 165 -4.11 6.49 2.84
C ARG A 165 -4.33 7.92 2.35
N GLY A 166 -5.42 8.57 2.77
CA GLY A 166 -5.61 10.00 2.59
C GLY A 166 -6.35 10.44 1.35
N VAL A 167 -6.88 9.49 0.59
CA VAL A 167 -7.55 9.80 -0.66
C VAL A 167 -8.88 10.49 -0.36
N GLU A 168 -9.12 11.61 -1.03
CA GLU A 168 -10.24 12.50 -0.74
C GLU A 168 -10.79 13.07 -2.03
N PRO A 169 -12.10 13.37 -2.07
CA PRO A 169 -12.68 13.93 -3.29
C PRO A 169 -12.03 15.29 -3.64
N GLY A 170 -12.06 15.69 -4.91
CA GLY A 170 -11.74 17.08 -5.29
C GLY A 170 -10.37 17.42 -5.86
N ASN A 171 -9.41 16.49 -5.77
CA ASN A 171 -8.06 16.70 -6.29
C ASN A 171 -7.69 15.70 -7.38
N GLY A 172 -8.69 15.27 -8.14
CA GLY A 172 -8.50 14.42 -9.31
C GLY A 172 -9.39 13.19 -9.36
N PRO A 173 -9.55 12.63 -10.54
CA PRO A 173 -10.45 11.52 -10.75
C PRO A 173 -9.94 10.22 -10.10
N VAL A 174 -10.89 9.37 -9.72
CA VAL A 174 -10.60 8.01 -9.28
C VAL A 174 -11.02 7.05 -10.39
N LEU A 175 -10.07 6.21 -10.77
CA LEU A 175 -10.26 5.17 -11.75
C LEU A 175 -10.84 3.91 -11.12
N VAL A 176 -11.76 3.26 -11.81
CA VAL A 176 -12.24 1.94 -11.43
C VAL A 176 -12.06 1.09 -12.68
N THR A 177 -11.16 0.11 -12.60
CA THR A 177 -10.98 -0.84 -13.70
C THR A 177 -11.93 -2.04 -13.51
N GLY A 178 -12.15 -2.77 -14.60
CA GLY A 178 -13.11 -3.87 -14.65
C GLY A 178 -14.44 -3.43 -14.09
N ALA A 179 -14.83 -2.22 -14.42
CA ALA A 179 -15.86 -1.52 -13.70
C ALA A 179 -17.25 -2.17 -13.87
N SER A 180 -17.46 -2.92 -14.95
CA SER A 180 -18.78 -3.52 -15.19
C SER A 180 -19.03 -4.79 -14.36
N GLY A 181 -17.96 -5.37 -13.83
CA GLY A 181 -18.07 -6.49 -12.89
C GLY A 181 -18.70 -6.11 -11.55
N GLY A 182 -18.93 -7.15 -10.74
CA GLY A 182 -19.65 -7.00 -9.48
C GLY A 182 -19.01 -6.01 -8.50
N VAL A 183 -17.70 -6.07 -8.33
CA VAL A 183 -16.98 -5.19 -7.41
C VAL A 183 -16.96 -3.75 -7.94
N GLY A 184 -16.58 -3.62 -9.21
CA GLY A 184 -16.49 -2.34 -9.88
C GLY A 184 -17.79 -1.57 -9.89
N THR A 185 -18.93 -2.23 -10.12
CA THR A 185 -20.20 -1.51 -10.20
C THR A 185 -20.52 -0.90 -8.87
N VAL A 186 -20.34 -1.67 -7.79
CA VAL A 186 -20.58 -1.13 -6.46
C VAL A 186 -19.55 -0.07 -6.09
N ALA A 187 -18.31 -0.22 -6.55
CA ALA A 187 -17.26 0.80 -6.26
C ALA A 187 -17.63 2.16 -6.93
N VAL A 188 -18.10 2.10 -8.17
CA VAL A 188 -18.57 3.33 -8.86
C VAL A 188 -19.63 4.00 -8.00
N ASP A 189 -20.61 3.21 -7.57
CA ASP A 189 -21.73 3.70 -6.78
C ASP A 189 -21.24 4.37 -5.50
N LEU A 190 -20.37 3.71 -4.74
CA LEU A 190 -19.92 4.21 -3.46
C LEU A 190 -19.03 5.43 -3.56
N LEU A 191 -18.14 5.40 -4.53
CA LEU A 191 -17.16 6.45 -4.70
C LEU A 191 -17.88 7.70 -5.25
N SER A 192 -18.76 7.54 -6.25
CA SER A 192 -19.47 8.72 -6.82
C SER A 192 -20.33 9.35 -5.74
N ALA A 193 -21.05 8.53 -4.99
CA ALA A 193 -21.88 9.02 -3.88
C ALA A 193 -21.11 9.77 -2.81
N ALA A 194 -19.85 9.41 -2.61
CA ALA A 194 -18.99 10.11 -1.65
C ALA A 194 -18.37 11.40 -2.24
N GLY A 195 -18.65 11.69 -3.50
CA GLY A 195 -18.24 12.95 -4.11
C GLY A 195 -17.09 12.85 -5.09
N PHE A 196 -16.50 11.66 -5.20
CA PHE A 196 -15.42 11.46 -6.11
C PHE A 196 -15.87 11.56 -7.51
N GLU A 197 -14.93 11.97 -8.33
CA GLU A 197 -15.08 11.96 -9.76
C GLU A 197 -14.58 10.62 -10.24
N VAL A 198 -15.48 9.79 -10.72
CA VAL A 198 -15.16 8.41 -11.04
C VAL A 198 -15.12 8.19 -12.54
N VAL A 199 -13.99 7.68 -13.02
CA VAL A 199 -13.89 7.24 -14.36
C VAL A 199 -13.90 5.73 -14.35
N ALA A 200 -14.87 5.16 -15.05
CA ALA A 200 -15.07 3.73 -15.07
C ALA A 200 -14.46 3.13 -16.32
N SER A 201 -13.51 2.21 -16.15
CA SER A 201 -12.89 1.53 -17.26
C SER A 201 -13.51 0.15 -17.43
N SER A 202 -14.01 -0.11 -18.63
CA SER A 202 -14.82 -1.28 -18.90
C SER A 202 -14.56 -1.75 -20.30
N GLY A 203 -14.27 -3.04 -20.48
CA GLY A 203 -14.09 -3.60 -21.81
C GLY A 203 -15.39 -3.95 -22.51
N LYS A 204 -16.51 -3.43 -22.00
CA LYS A 204 -17.84 -3.76 -22.48
C LYS A 204 -18.67 -2.50 -22.72
N PRO A 205 -18.61 -1.93 -23.93
CA PRO A 205 -19.23 -0.63 -24.24
C PRO A 205 -20.75 -0.57 -24.07
N GLU A 206 -21.42 -1.72 -24.18
CA GLU A 206 -22.86 -1.83 -23.89
C GLU A 206 -23.21 -1.53 -22.43
N LYS A 207 -22.21 -1.54 -21.55
CA LYS A 207 -22.45 -1.30 -20.13
C LYS A 207 -22.32 0.15 -19.71
N ALA A 208 -21.93 1.02 -20.63
CA ALA A 208 -21.62 2.41 -20.28
C ALA A 208 -22.79 3.11 -19.62
N GLU A 209 -24.00 2.78 -20.07
CA GLU A 209 -25.20 3.43 -19.55
C GLU A 209 -25.48 3.06 -18.10
N LEU A 210 -25.41 1.77 -17.81
CA LEU A 210 -25.55 1.25 -16.46
C LEU A 210 -24.49 1.91 -15.55
N LEU A 211 -23.26 1.99 -16.04
CA LEU A 211 -22.18 2.60 -15.23
C LEU A 211 -22.44 4.09 -14.97
N THR A 212 -22.92 4.80 -15.99
CA THR A 212 -23.36 6.20 -15.83
C THR A 212 -24.52 6.30 -14.83
N GLN A 213 -25.46 5.37 -14.92
CA GLN A 213 -26.56 5.32 -13.97
C GLN A 213 -26.09 5.14 -12.51
N LEU A 214 -24.99 4.41 -12.31
CA LEU A 214 -24.43 4.23 -10.96
C LEU A 214 -23.49 5.36 -10.52
N GLY A 215 -23.28 6.36 -11.37
CA GLY A 215 -22.53 7.56 -10.94
C GLY A 215 -21.21 7.81 -11.63
N ALA A 216 -20.85 7.00 -12.62
CA ALA A 216 -19.60 7.26 -13.34
C ALA A 216 -19.66 8.61 -14.06
N SER A 217 -18.65 9.47 -13.84
CA SER A 217 -18.54 10.75 -14.54
C SER A 217 -18.20 10.54 -16.01
N LYS A 218 -17.43 9.50 -16.28
CA LYS A 218 -17.03 9.19 -17.63
C LYS A 218 -16.81 7.71 -17.68
N VAL A 219 -17.00 7.14 -18.86
CA VAL A 219 -16.73 5.72 -19.06
C VAL A 219 -15.76 5.62 -20.19
N ILE A 220 -14.72 4.83 -19.99
CA ILE A 220 -13.71 4.59 -21.00
C ILE A 220 -13.55 3.09 -21.21
N GLY A 221 -12.74 2.74 -22.19
CA GLY A 221 -12.44 1.36 -22.50
C GLY A 221 -11.33 0.85 -21.62
N ARG A 222 -10.75 -0.27 -22.02
CA ARG A 222 -9.70 -0.93 -21.29
C ARG A 222 -8.43 -0.16 -21.24
N LEU A 223 -7.62 -0.47 -20.24
CA LEU A 223 -6.30 0.12 -20.11
C LEU A 223 -5.24 -0.99 -20.04
N PRO A 224 -4.03 -0.69 -20.55
CA PRO A 224 -3.67 0.58 -21.19
C PRO A 224 -4.32 0.70 -22.56
N GLU A 225 -4.42 1.92 -23.07
CA GLU A 225 -4.86 2.11 -24.46
C GLU A 225 -3.69 1.71 -25.38
N PRO A 226 -3.99 0.96 -26.47
CA PRO A 226 -2.98 0.42 -27.40
C PRO A 226 -1.85 1.39 -27.83
N ASP A 227 -2.14 2.68 -27.95
CA ASP A 227 -1.17 3.69 -28.39
C ASP A 227 -0.42 4.41 -27.24
N THR A 228 -0.41 3.84 -26.05
CA THR A 228 0.37 4.41 -24.96
C THR A 228 1.67 3.63 -24.84
N LYS A 229 2.79 4.34 -24.68
CA LYS A 229 4.07 3.69 -24.40
C LYS A 229 4.12 3.37 -22.91
N PRO A 230 4.36 2.08 -22.53
CA PRO A 230 4.48 1.74 -21.10
C PRO A 230 5.76 2.27 -20.47
N ARG A 231 5.62 3.12 -19.45
CA ARG A 231 6.76 3.67 -18.74
C ARG A 231 6.69 3.38 -17.25
N PRO A 232 7.85 3.39 -16.59
CA PRO A 232 7.86 3.38 -15.12
C PRO A 232 7.02 4.50 -14.51
N LEU A 233 7.28 5.75 -14.91
CA LEU A 233 6.45 6.89 -14.54
C LEU A 233 5.75 7.44 -15.78
N GLY A 234 4.46 7.10 -15.95
CA GLY A 234 3.65 7.59 -17.09
C GLY A 234 2.93 8.86 -16.72
N LYS A 235 1.92 9.26 -17.50
CA LYS A 235 1.19 10.50 -17.16
C LYS A 235 0.35 10.32 -15.89
N ALA A 236 0.66 11.13 -14.87
CA ALA A 236 -0.06 11.19 -13.63
C ALA A 236 -1.49 11.70 -13.85
N GLN A 237 -2.43 10.79 -14.05
CA GLN A 237 -3.81 11.15 -14.33
C GLN A 237 -4.78 10.87 -13.21
N TRP A 238 -4.46 9.93 -12.31
CA TRP A 238 -5.46 9.45 -11.38
C TRP A 238 -5.08 9.73 -9.96
N ALA A 239 -5.99 10.34 -9.20
CA ALA A 239 -5.77 10.52 -7.76
C ALA A 239 -5.67 9.16 -7.04
N ALA A 240 -6.43 8.17 -7.50
CA ALA A 240 -6.41 6.85 -6.89
C ALA A 240 -7.09 5.89 -7.84
N ALA A 241 -7.02 4.60 -7.53
CA ALA A 241 -7.80 3.66 -8.29
C ALA A 241 -8.27 2.48 -7.48
N VAL A 242 -9.34 1.85 -7.97
CA VAL A 242 -9.80 0.56 -7.48
C VAL A 242 -9.62 -0.35 -8.67
N ASP A 243 -8.70 -1.30 -8.55
CA ASP A 243 -8.40 -2.19 -9.66
C ASP A 243 -8.96 -3.59 -9.45
N CYS A 244 -9.79 -4.02 -10.40
CA CYS A 244 -10.37 -5.36 -10.33
C CYS A 244 -9.81 -6.28 -11.41
N VAL A 245 -8.76 -5.85 -12.09
CA VAL A 245 -8.20 -6.62 -13.22
C VAL A 245 -6.83 -7.27 -12.95
N GLY A 246 -5.90 -6.55 -12.32
CA GLY A 246 -4.54 -7.04 -12.13
C GLY A 246 -3.73 -6.99 -13.42
N GLY A 247 -2.66 -7.78 -13.47
CA GLY A 247 -1.86 -7.91 -14.68
C GLY A 247 -1.28 -6.62 -15.20
N ALA A 248 -1.24 -6.50 -16.53
CA ALA A 248 -0.72 -5.31 -17.22
C ALA A 248 -1.57 -4.06 -16.96
N THR A 249 -2.85 -4.25 -16.66
CA THR A 249 -3.71 -3.13 -16.34
C THR A 249 -3.28 -2.49 -15.04
N LEU A 250 -2.98 -3.32 -14.06
CA LEU A 250 -2.56 -2.82 -12.76
C LEU A 250 -1.20 -2.18 -12.89
N ALA A 251 -0.32 -2.78 -13.68
CA ALA A 251 1.00 -2.13 -13.92
C ALA A 251 0.84 -0.72 -14.50
N HIS A 252 -0.06 -0.59 -15.47
CA HIS A 252 -0.33 0.70 -16.12
C HIS A 252 -0.92 1.69 -15.14
N VAL A 253 -1.91 1.24 -14.38
CA VAL A 253 -2.52 2.09 -13.35
C VAL A 253 -1.48 2.57 -12.40
N LEU A 254 -0.61 1.68 -11.92
CA LEU A 254 0.40 2.10 -10.96
C LEU A 254 1.32 3.20 -11.52
N SER A 255 1.64 3.10 -12.81
CA SER A 255 2.50 4.09 -13.46
C SER A 255 1.81 5.44 -13.73
N THR A 256 0.50 5.52 -13.47
CA THR A 256 -0.31 6.71 -13.81
C THR A 256 -1.07 7.29 -12.65
N ILE A 257 -0.72 6.85 -11.43
CA ILE A 257 -1.24 7.44 -10.21
C ILE A 257 -0.46 8.68 -9.85
N GLU A 258 -1.19 9.76 -9.50
CA GLU A 258 -0.57 11.00 -9.07
C GLU A 258 0.14 10.88 -7.76
N TYR A 259 0.99 11.87 -7.52
CA TYR A 259 1.76 11.92 -6.29
C TYR A 259 0.90 11.67 -5.04
N GLY A 260 1.32 10.72 -4.22
CA GLY A 260 0.64 10.47 -2.95
C GLY A 260 -0.64 9.65 -3.05
N GLY A 261 -1.01 9.21 -4.25
CA GLY A 261 -2.26 8.45 -4.44
C GLY A 261 -2.17 7.00 -4.07
N ALA A 262 -3.27 6.26 -4.23
CA ALA A 262 -3.26 4.88 -3.81
C ALA A 262 -4.11 4.06 -4.71
N VAL A 263 -3.79 2.78 -4.73
CA VAL A 263 -4.53 1.81 -5.49
C VAL A 263 -4.99 0.66 -4.59
N ALA A 264 -6.28 0.34 -4.66
CA ALA A 264 -6.85 -0.84 -3.99
C ALA A 264 -6.96 -1.95 -5.00
N ALA A 265 -6.13 -2.98 -4.85
CA ALA A 265 -6.14 -4.13 -5.77
C ALA A 265 -7.00 -5.26 -5.23
N SER A 266 -8.08 -5.59 -5.92
CA SER A 266 -8.97 -6.70 -5.48
C SER A 266 -9.01 -7.87 -6.44
N GLY A 267 -8.58 -7.65 -7.67
CA GLY A 267 -8.97 -8.55 -8.74
C GLY A 267 -7.83 -9.18 -9.49
N LEU A 268 -8.17 -10.27 -10.15
CA LEU A 268 -7.26 -10.95 -11.05
C LEU A 268 -8.08 -11.53 -12.20
N THR A 269 -7.87 -10.96 -13.37
CA THR A 269 -8.49 -11.39 -14.60
C THR A 269 -7.53 -12.26 -15.36
N GLY A 270 -6.33 -11.73 -15.62
CA GLY A 270 -5.32 -12.46 -16.38
C GLY A 270 -4.48 -13.34 -15.47
N GLY A 271 -3.22 -13.53 -15.84
CA GLY A 271 -2.27 -14.23 -14.99
C GLY A 271 -2.07 -13.45 -13.70
N PRO A 272 -1.47 -14.08 -12.70
CA PRO A 272 -1.16 -13.38 -11.45
C PRO A 272 0.09 -12.54 -11.53
N LYS A 273 0.86 -12.66 -12.61
CA LYS A 273 2.14 -11.99 -12.68
C LYS A 273 1.90 -10.50 -12.75
N LEU A 274 2.77 -9.74 -12.10
CA LEU A 274 2.74 -8.30 -12.11
C LEU A 274 4.16 -7.76 -12.36
N GLU A 275 4.34 -7.13 -13.51
CA GLU A 275 5.62 -6.57 -13.91
C GLU A 275 5.56 -5.09 -13.85
N THR A 276 6.22 -4.50 -12.86
CA THR A 276 6.06 -3.10 -12.60
C THR A 276 7.42 -2.56 -12.22
N THR A 277 7.47 -1.38 -11.63
CA THR A 277 8.72 -0.84 -11.11
C THR A 277 8.48 -0.30 -9.71
N VAL A 278 9.54 0.03 -9.01
CA VAL A 278 9.39 0.63 -7.70
C VAL A 278 9.24 2.14 -7.76
N LEU A 279 9.34 2.72 -8.97
CA LEU A 279 9.37 4.16 -9.10
C LEU A 279 8.08 4.86 -8.67
N PRO A 280 6.90 4.32 -9.01
CA PRO A 280 5.72 5.02 -8.46
C PRO A 280 5.74 5.06 -6.94
N PHE A 281 6.32 4.03 -6.33
CA PHE A 281 6.34 3.92 -4.89
C PHE A 281 7.33 4.88 -4.32
N ILE A 282 8.59 4.73 -4.73
CA ILE A 282 9.73 5.52 -4.26
C ILE A 282 9.75 7.01 -4.61
N LEU A 283 9.36 7.34 -5.83
CA LEU A 283 9.41 8.74 -6.33
C LEU A 283 8.10 9.48 -6.25
N ARG A 284 6.99 8.78 -6.43
CA ARG A 284 5.68 9.40 -6.27
C ARG A 284 4.91 9.04 -4.99
N GLY A 285 5.49 8.24 -4.09
CA GLY A 285 4.80 8.01 -2.78
C GLY A 285 3.47 7.30 -2.92
N VAL A 286 3.34 6.45 -3.92
CA VAL A 286 2.12 5.72 -4.21
C VAL A 286 2.03 4.52 -3.28
N SER A 287 0.79 4.15 -2.94
CA SER A 287 0.49 2.95 -2.14
C SER A 287 -0.31 1.95 -2.92
N LEU A 288 0.06 0.69 -2.77
CA LEU A 288 -0.75 -0.38 -3.31
C LEU A 288 -1.31 -1.22 -2.17
N LEU A 289 -2.63 -1.34 -2.09
CA LEU A 289 -3.28 -1.94 -0.92
C LEU A 289 -4.04 -3.14 -1.35
N GLY A 290 -3.64 -4.32 -0.87
CA GLY A 290 -4.27 -5.53 -1.29
C GLY A 290 -5.60 -5.74 -0.54
N ILE A 291 -6.64 -6.09 -1.27
CA ILE A 291 -7.97 -6.26 -0.72
C ILE A 291 -8.33 -7.74 -0.74
N ASP A 292 -8.44 -8.33 0.43
CA ASP A 292 -8.89 -9.72 0.55
C ASP A 292 -10.15 -9.75 1.42
N SER A 293 -11.30 -10.06 0.83
CA SER A 293 -12.49 -10.26 1.62
C SER A 293 -12.61 -11.68 2.18
N VAL A 294 -11.82 -12.62 1.65
CA VAL A 294 -12.03 -14.05 1.97
C VAL A 294 -11.69 -14.37 3.41
N GLN A 295 -10.53 -13.91 3.87
CA GLN A 295 -10.02 -14.23 5.20
C GLN A 295 -9.98 -13.02 6.15
N TYR A 296 -10.58 -11.93 5.71
CA TYR A 296 -10.66 -10.72 6.50
C TYR A 296 -11.19 -11.03 7.92
N PRO A 297 -10.53 -10.52 8.97
CA PRO A 297 -10.91 -10.90 10.35
C PRO A 297 -12.36 -10.56 10.70
N ILE A 298 -13.05 -11.52 11.32
CA ILE A 298 -14.49 -11.43 11.58
C ILE A 298 -14.90 -10.14 12.27
N ASP A 299 -14.08 -9.70 13.23
CA ASP A 299 -14.35 -8.46 13.94
C ASP A 299 -14.44 -7.26 12.97
N GLN A 300 -13.52 -7.21 12.02
CA GLN A 300 -13.49 -6.12 11.05
C GLN A 300 -14.63 -6.31 10.04
N ARG A 301 -14.89 -7.55 9.69
CA ARG A 301 -15.95 -7.88 8.77
C ARG A 301 -17.25 -7.38 9.40
N ARG A 302 -17.46 -7.64 10.68
CA ARG A 302 -18.73 -7.29 11.28
C ARG A 302 -18.85 -5.76 11.30
N ARG A 303 -17.78 -5.04 11.63
CA ARG A 303 -17.82 -3.55 11.62
C ARG A 303 -18.18 -2.98 10.24
N LEU A 304 -17.61 -3.57 9.17
CA LEU A 304 -17.83 -3.06 7.84
C LEU A 304 -19.24 -3.31 7.37
N TRP A 305 -19.82 -4.44 7.75
CA TRP A 305 -21.27 -4.65 7.49
C TRP A 305 -22.17 -3.60 8.18
N GLY A 306 -21.78 -3.14 9.36
CA GLY A 306 -22.46 -1.98 9.99
C GLY A 306 -22.44 -0.76 9.10
N ARG A 307 -21.30 -0.50 8.45
CA ARG A 307 -21.16 0.64 7.51
C ARG A 307 -21.99 0.48 6.24
N LEU A 308 -22.05 -0.73 5.72
CA LEU A 308 -22.85 -1.03 4.54
C LEU A 308 -24.34 -0.80 4.80
N ALA A 309 -24.74 -1.07 6.04
CA ALA A 309 -26.04 -0.68 6.57
C ALA A 309 -26.27 0.83 6.69
N SER A 310 -25.22 1.58 6.97
CA SER A 310 -25.34 3.02 7.17
C SER A 310 -24.60 3.94 6.19
N ASP A 311 -23.43 4.42 6.58
CA ASP A 311 -22.70 5.40 5.77
C ASP A 311 -22.10 4.92 4.45
N LEU A 312 -21.94 3.61 4.29
CA LEU A 312 -21.44 3.03 3.06
C LEU A 312 -22.48 2.23 2.26
N ALA A 313 -23.75 2.49 2.47
CA ALA A 313 -24.79 1.74 1.79
C ALA A 313 -24.79 2.12 0.31
N PRO A 314 -24.67 1.14 -0.60
CA PRO A 314 -24.74 1.47 -2.02
C PRO A 314 -26.15 1.87 -2.46
N SER A 315 -26.34 3.17 -2.69
CA SER A 315 -27.64 3.81 -2.89
C SER A 315 -28.35 3.43 -4.18
N ARG A 316 -27.60 2.99 -5.18
CA ARG A 316 -28.19 2.75 -6.52
C ARG A 316 -28.17 1.28 -6.96
N LEU A 317 -27.78 0.41 -6.03
CA LEU A 317 -27.63 -1.01 -6.33
C LEU A 317 -29.00 -1.66 -6.60
N GLU A 318 -30.01 -1.23 -5.83
CA GLU A 318 -31.37 -1.75 -6.03
C GLU A 318 -31.90 -1.55 -7.46
N SER A 319 -31.54 -0.43 -8.07
CA SER A 319 -32.00 -0.15 -9.44
C SER A 319 -31.43 -1.12 -10.46
N ILE A 320 -30.32 -1.78 -10.16
CA ILE A 320 -29.81 -2.80 -11.07
C ILE A 320 -29.96 -4.23 -10.55
N THR A 321 -30.66 -4.40 -9.44
CA THR A 321 -30.78 -5.69 -8.80
C THR A 321 -31.97 -6.44 -9.42
N HIS A 322 -31.81 -7.74 -9.62
CA HIS A 322 -32.87 -8.59 -10.22
C HIS A 322 -33.02 -9.83 -9.38
N ASP A 323 -34.26 -10.19 -9.08
CA ASP A 323 -34.52 -11.39 -8.32
C ASP A 323 -34.60 -12.57 -9.24
N VAL A 324 -33.89 -13.62 -8.86
CA VAL A 324 -33.79 -14.81 -9.64
C VAL A 324 -34.19 -15.97 -8.72
N PRO A 325 -35.35 -16.59 -8.98
CA PRO A 325 -35.68 -17.82 -8.28
C PRO A 325 -34.56 -18.85 -8.42
N ILE A 326 -34.23 -19.49 -7.30
CA ILE A 326 -33.19 -20.51 -7.27
C ILE A 326 -33.39 -21.57 -8.38
N ALA A 327 -34.64 -21.86 -8.73
CA ALA A 327 -34.92 -22.82 -9.82
C ALA A 327 -34.42 -22.36 -11.19
N ASP A 328 -34.39 -21.06 -11.43
CA ASP A 328 -33.93 -20.45 -12.67
C ASP A 328 -32.46 -20.02 -12.63
N VAL A 329 -31.72 -20.50 -11.65
CA VAL A 329 -30.39 -19.97 -11.44
C VAL A 329 -29.45 -20.28 -12.59
N VAL A 330 -29.56 -21.48 -13.17
CA VAL A 330 -28.59 -21.94 -14.17
C VAL A 330 -28.50 -20.96 -15.34
N SER A 331 -29.65 -20.50 -15.80
CA SER A 331 -29.74 -19.49 -16.84
C SER A 331 -28.87 -18.26 -16.58
N VAL A 332 -28.90 -17.78 -15.34
CA VAL A 332 -28.13 -16.59 -14.95
C VAL A 332 -26.62 -16.89 -14.81
N ILE A 333 -26.30 -18.04 -14.23
CA ILE A 333 -24.91 -18.51 -14.15
C ILE A 333 -24.27 -18.52 -15.54
N ASP A 334 -24.99 -19.07 -16.52
CA ASP A 334 -24.51 -19.18 -17.89
C ASP A 334 -24.25 -17.80 -18.53
N GLN A 335 -25.11 -16.83 -18.26
CA GLN A 335 -24.92 -15.47 -18.75
C GLN A 335 -23.77 -14.76 -18.04
N VAL A 336 -23.67 -14.96 -16.73
CA VAL A 336 -22.59 -14.36 -15.95
C VAL A 336 -21.24 -14.94 -16.41
N ARG A 337 -21.21 -16.25 -16.64
CA ARG A 337 -20.01 -16.89 -17.15
C ARG A 337 -19.63 -16.27 -18.49
N ALA A 338 -20.63 -15.99 -19.32
CA ALA A 338 -20.39 -15.44 -20.66
C ALA A 338 -20.09 -13.95 -20.69
N GLY A 339 -20.27 -13.28 -19.55
CA GLY A 339 -20.13 -11.82 -19.49
C GLY A 339 -21.30 -11.07 -20.13
N THR A 340 -22.44 -11.72 -20.27
CA THR A 340 -23.60 -11.16 -20.98
C THR A 340 -24.74 -10.77 -20.06
N TYR A 341 -24.55 -10.94 -18.75
CA TYR A 341 -25.61 -10.66 -17.79
C TYR A 341 -25.55 -9.19 -17.39
N SER A 342 -26.71 -8.53 -17.34
CA SER A 342 -26.78 -7.13 -16.94
C SER A 342 -27.28 -6.97 -15.50
N GLY A 343 -26.53 -6.27 -14.68
CA GLY A 343 -26.93 -6.00 -13.31
C GLY A 343 -26.51 -7.06 -12.30
N ARG A 344 -27.21 -7.06 -11.18
CA ARG A 344 -26.88 -7.87 -10.03
C ARG A 344 -27.97 -8.91 -9.79
N ALA A 345 -27.61 -10.19 -9.78
CA ALA A 345 -28.58 -11.27 -9.51
C ALA A 345 -28.61 -11.64 -8.04
N VAL A 346 -29.76 -11.40 -7.40
CA VAL A 346 -29.99 -11.90 -6.03
C VAL A 346 -30.91 -13.13 -6.13
N VAL A 347 -30.43 -14.22 -5.56
CA VAL A 347 -31.11 -15.50 -5.70
C VAL A 347 -32.02 -15.77 -4.51
N ALA A 348 -33.30 -15.97 -4.78
CA ALA A 348 -34.24 -16.26 -3.71
C ALA A 348 -34.31 -17.76 -3.51
N VAL A 349 -33.57 -18.25 -2.52
CA VAL A 349 -33.60 -19.65 -2.15
C VAL A 349 -34.91 -20.09 -1.51
N ALA A 350 -35.45 -19.25 -0.64
CA ALA A 350 -36.60 -19.61 0.16
C ALA A 350 -37.80 -18.75 -0.15
N PRO A 351 -38.95 -19.39 -0.33
CA PRO A 351 -40.19 -18.67 -0.66
C PRO A 351 -40.92 -18.22 0.61
N GLU B 25 30.02 38.55 1.81
CA GLU B 25 30.61 37.36 1.14
C GLU B 25 31.00 36.29 2.17
N PHE B 26 30.95 35.02 1.76
CA PHE B 26 31.22 33.88 2.66
C PHE B 26 31.89 32.72 1.91
N THR B 27 32.25 31.68 2.66
CA THR B 27 32.83 30.47 2.06
C THR B 27 31.74 29.46 1.68
N ALA B 28 31.80 29.00 0.43
CA ALA B 28 30.94 27.90 -0.03
C ALA B 28 31.81 26.83 -0.67
N TRP B 29 31.43 25.58 -0.49
CA TRP B 29 32.14 24.46 -1.08
C TRP B 29 31.33 24.00 -2.29
N ILE B 30 31.80 24.41 -3.47
CA ILE B 30 31.03 24.29 -4.68
C ILE B 30 31.52 23.08 -5.46
N ALA B 31 30.56 22.28 -5.95
CA ALA B 31 30.85 21.19 -6.86
C ALA B 31 30.88 21.79 -8.27
N ARG B 32 31.87 21.38 -9.06
CA ARG B 32 32.05 21.84 -10.43
C ARG B 32 32.48 20.69 -11.32
N GLU B 33 31.97 20.66 -12.55
CA GLU B 33 32.36 19.65 -13.53
C GLU B 33 33.30 20.26 -14.57
N ASN B 34 34.42 19.59 -14.81
CA ASN B 34 35.37 20.00 -15.85
C ASN B 34 35.93 18.76 -16.54
N GLU B 35 35.68 18.65 -17.85
CA GLU B 35 36.21 17.56 -18.66
C GLU B 35 35.80 16.17 -18.14
N GLY B 36 34.56 16.06 -17.65
CA GLY B 36 34.03 14.77 -17.20
C GLY B 36 34.06 14.55 -15.70
N ALA B 37 35.14 14.96 -15.04
CA ALA B 37 35.29 14.78 -13.60
C ALA B 37 34.56 15.87 -12.83
N ILE B 38 34.38 15.63 -11.53
CA ILE B 38 33.66 16.53 -10.63
C ILE B 38 34.52 16.81 -9.38
N GLY B 39 34.66 18.08 -9.02
CA GLY B 39 35.49 18.47 -7.87
C GLY B 39 34.84 19.46 -6.93
N LEU B 40 34.98 19.19 -5.62
CA LEU B 40 34.49 20.11 -4.59
C LEU B 40 35.53 21.18 -4.37
N SER B 41 35.10 22.44 -4.48
CA SER B 41 36.01 23.56 -4.56
C SER B 41 35.65 24.63 -3.54
N GLN B 42 36.50 24.82 -2.53
CA GLN B 42 36.28 25.86 -1.53
C GLN B 42 36.55 27.23 -2.12
N GLU B 43 35.53 28.10 -2.07
CA GLU B 43 35.58 29.39 -2.74
C GLU B 43 34.81 30.44 -1.95
N THR B 44 35.37 31.64 -1.85
CA THR B 44 34.66 32.78 -1.28
C THR B 44 33.64 33.25 -2.31
N VAL B 45 32.47 33.68 -1.86
CA VAL B 45 31.37 34.00 -2.77
C VAL B 45 30.43 35.04 -2.14
N GLY B 46 29.67 35.76 -2.98
CA GLY B 46 28.79 36.84 -2.50
C GLY B 46 27.34 36.41 -2.32
N GLU B 47 26.48 37.36 -1.96
CA GLU B 47 25.05 37.09 -1.77
C GLU B 47 24.33 36.63 -3.04
N SER B 48 24.69 37.21 -4.18
CA SER B 48 24.00 36.94 -5.44
C SER B 48 24.15 35.49 -5.94
N PHE B 49 25.07 34.73 -5.36
CA PHE B 49 25.25 33.30 -5.68
C PHE B 49 24.11 32.43 -5.19
N LEU B 50 23.65 32.73 -3.97
CA LEU B 50 22.52 32.03 -3.35
C LEU B 50 21.30 32.00 -4.25
N PRO B 51 20.56 30.87 -4.23
CA PRO B 51 19.29 30.83 -4.95
C PRO B 51 18.23 31.68 -4.25
N GLN B 52 17.04 31.75 -4.85
CA GLN B 52 15.96 32.61 -4.39
C GLN B 52 15.21 31.99 -3.22
N GLY B 53 14.90 32.80 -2.22
CA GLY B 53 14.09 32.32 -1.10
C GLY B 53 13.82 33.37 -0.04
N GLU B 54 12.74 33.16 0.71
CA GLU B 54 12.33 34.07 1.76
C GLU B 54 13.17 33.93 3.04
N VAL B 55 13.88 32.81 3.19
CA VAL B 55 14.61 32.51 4.43
C VAL B 55 16.07 32.22 4.18
N THR B 56 16.94 32.99 4.84
CA THR B 56 18.38 32.79 4.77
C THR B 56 18.85 32.18 6.08
N ILE B 57 19.80 31.24 6.01
CA ILE B 57 20.21 30.45 7.17
C ILE B 57 21.72 30.42 7.34
N GLN B 58 22.19 30.72 8.55
CA GLN B 58 23.58 30.42 8.88
C GLN B 58 23.68 28.94 9.20
N VAL B 59 24.23 28.18 8.26
CA VAL B 59 24.28 26.73 8.37
C VAL B 59 25.27 26.30 9.43
N GLU B 60 24.73 25.85 10.55
CA GLU B 60 25.52 25.20 11.59
C GLU B 60 26.02 23.79 11.25
N TYR B 61 25.15 22.97 10.68
CA TYR B 61 25.47 21.58 10.42
C TYR B 61 24.84 21.03 9.15
N SER B 62 25.45 19.99 8.62
CA SER B 62 24.96 19.26 7.46
C SER B 62 25.38 17.81 7.64
N SER B 63 25.15 16.99 6.64
CA SER B 63 25.44 15.57 6.74
C SER B 63 26.05 15.04 5.47
N VAL B 64 26.63 13.85 5.54
CA VAL B 64 27.03 13.16 4.34
C VAL B 64 26.14 11.96 4.10
N ASN B 65 25.52 11.94 2.94
CA ASN B 65 24.68 10.85 2.50
C ASN B 65 25.24 10.24 1.23
N PHE B 66 24.76 9.05 0.90
CA PHE B 66 25.12 8.41 -0.36
C PHE B 66 24.72 9.34 -1.50
N LYS B 67 23.54 9.96 -1.35
CA LYS B 67 23.04 10.94 -2.30
C LYS B 67 23.97 12.17 -2.45
N ASP B 68 24.54 12.66 -1.36
CA ASP B 68 25.55 13.74 -1.44
C ASP B 68 26.83 13.27 -2.13
N ALA B 69 27.24 12.03 -1.90
CA ALA B 69 28.40 11.43 -2.59
C ALA B 69 28.15 11.22 -4.10
N LEU B 70 26.91 10.88 -4.47
CA LEU B 70 26.53 10.77 -5.88
C LEU B 70 26.56 12.13 -6.57
N ALA B 71 26.22 13.20 -5.84
CA ALA B 71 26.35 14.57 -6.36
C ALA B 71 27.80 14.97 -6.67
N LEU B 72 28.74 14.20 -6.13
CA LEU B 72 30.16 14.41 -6.43
C LEU B 72 30.74 13.23 -7.21
N THR B 73 29.88 12.55 -7.99
CA THR B 73 30.28 11.41 -8.82
C THR B 73 29.90 11.69 -10.27
N PRO B 74 30.79 11.35 -11.23
CA PRO B 74 30.61 11.55 -12.68
C PRO B 74 29.22 11.21 -13.24
N LYS B 75 28.81 9.95 -13.19
CA LYS B 75 27.49 9.53 -13.69
C LYS B 75 26.50 9.28 -12.54
N GLY B 76 26.56 10.15 -11.53
CA GLY B 76 25.80 9.95 -10.29
C GLY B 76 24.30 10.05 -10.41
N GLY B 77 23.84 10.86 -11.37
CA GLY B 77 22.41 10.94 -11.70
C GLY B 77 21.58 11.70 -10.70
N VAL B 78 22.23 12.48 -9.85
CA VAL B 78 21.56 13.20 -8.76
C VAL B 78 21.45 14.69 -9.04
N VAL B 79 22.48 15.28 -9.62
CA VAL B 79 22.49 16.72 -9.88
C VAL B 79 21.98 17.04 -11.29
N ARG B 80 20.95 17.89 -11.38
CA ARG B 80 20.37 18.31 -12.67
C ARG B 80 21.41 19.02 -13.54
N GLU B 81 22.11 19.98 -12.95
CA GLU B 81 23.24 20.67 -13.60
C GLU B 81 24.20 21.31 -12.59
N TYR B 82 25.50 21.19 -12.87
CA TYR B 82 26.53 21.88 -12.10
C TYR B 82 26.66 23.31 -12.64
N PRO B 83 27.27 24.23 -11.86
CA PRO B 83 27.85 24.08 -10.53
C PRO B 83 26.82 24.20 -9.41
N ILE B 84 27.03 23.47 -8.33
CA ILE B 84 26.07 23.41 -7.23
C ILE B 84 26.79 23.15 -5.92
N VAL B 85 26.33 23.79 -4.84
CA VAL B 85 26.77 23.44 -3.49
C VAL B 85 25.97 22.21 -3.04
N PRO B 86 26.65 21.07 -2.81
CA PRO B 86 25.91 19.89 -2.34
C PRO B 86 25.47 19.99 -0.89
N GLY B 87 24.77 18.96 -0.41
CA GLY B 87 24.30 18.89 0.98
C GLY B 87 22.80 18.98 1.05
N ILE B 88 22.13 17.83 1.09
CA ILE B 88 20.68 17.77 1.02
C ILE B 88 20.04 18.22 2.32
N ASP B 89 20.80 18.08 3.40
CA ASP B 89 20.33 18.47 4.74
C ASP B 89 20.92 19.82 5.13
N VAL B 90 20.08 20.71 5.61
CA VAL B 90 20.52 22.01 6.10
C VAL B 90 19.94 22.24 7.49
N ALA B 91 20.82 22.43 8.47
CA ALA B 91 20.40 22.76 9.82
C ALA B 91 21.22 23.93 10.35
N GLY B 92 20.53 24.95 10.84
CA GLY B 92 21.21 26.12 11.40
C GLY B 92 20.24 27.16 11.90
N THR B 93 20.68 28.42 11.84
CA THR B 93 19.91 29.53 12.41
C THR B 93 19.56 30.58 11.35
N VAL B 94 18.32 31.05 11.44
CA VAL B 94 17.79 32.09 10.54
C VAL B 94 18.50 33.40 10.82
N VAL B 95 19.11 33.96 9.77
CA VAL B 95 19.74 35.27 9.87
C VAL B 95 18.78 36.32 9.28
N GLU B 96 18.16 36.02 8.14
CA GLU B 96 17.18 36.93 7.56
C GLU B 96 15.94 36.17 7.13
N SER B 97 14.77 36.78 7.35
CA SER B 97 13.49 36.20 6.96
C SER B 97 12.51 37.26 6.45
N GLN B 98 11.97 37.03 5.25
CA GLN B 98 10.92 37.86 4.69
C GLN B 98 9.55 37.20 4.89
N SER B 99 9.52 36.16 5.72
CA SER B 99 8.30 35.44 6.02
C SER B 99 7.94 35.62 7.49
N PRO B 100 6.65 35.85 7.78
CA PRO B 100 6.21 36.07 9.16
C PRO B 100 6.19 34.79 10.02
N GLU B 101 6.37 33.62 9.40
CA GLU B 101 6.44 32.37 10.16
C GLU B 101 7.81 32.14 10.77
N PHE B 102 8.84 32.80 10.24
CA PHE B 102 10.19 32.64 10.76
C PHE B 102 10.82 33.97 11.16
N SER B 103 11.36 33.98 12.37
CA SER B 103 12.04 35.15 12.91
C SER B 103 13.54 34.91 12.88
N VAL B 104 14.29 36.00 13.01
CA VAL B 104 15.75 35.91 13.17
C VAL B 104 16.04 35.23 14.51
N GLY B 105 17.03 34.34 14.52
CA GLY B 105 17.36 33.57 15.72
C GLY B 105 16.61 32.26 15.90
N ASP B 106 15.58 32.02 15.10
CA ASP B 106 14.94 30.69 15.07
C ASP B 106 15.93 29.64 14.57
N THR B 107 15.97 28.48 15.22
CA THR B 107 16.76 27.35 14.72
C THR B 107 15.87 26.52 13.82
N VAL B 108 16.45 26.05 12.71
CA VAL B 108 15.68 25.37 11.67
C VAL B 108 16.41 24.20 11.02
N VAL B 109 15.63 23.34 10.37
CA VAL B 109 16.16 22.32 9.46
C VAL B 109 15.39 22.45 8.15
N ALA B 110 16.13 22.38 7.05
CA ALA B 110 15.55 22.41 5.72
C ALA B 110 16.13 21.25 4.92
N HIS B 111 15.27 20.39 4.37
CA HIS B 111 15.75 19.30 3.52
C HIS B 111 14.68 18.87 2.54
N GLY B 112 15.09 18.11 1.52
CA GLY B 112 14.16 17.67 0.48
C GLY B 112 13.97 18.74 -0.58
N TYR B 113 12.87 18.62 -1.33
CA TYR B 113 12.56 19.51 -2.46
C TYR B 113 13.78 19.60 -3.38
N ASP B 114 14.22 20.80 -3.77
CA ASP B 114 15.40 20.92 -4.65
C ASP B 114 16.75 20.97 -3.91
N ILE B 115 16.71 20.98 -2.59
CA ILE B 115 17.87 21.35 -1.77
C ILE B 115 19.05 20.39 -1.94
N GLY B 116 20.20 20.93 -2.38
CA GLY B 116 21.41 20.13 -2.58
C GLY B 116 21.43 19.29 -3.85
N THR B 117 20.38 19.40 -4.68
CA THR B 117 20.28 18.62 -5.92
C THR B 117 20.09 19.48 -7.17
N ALA B 118 19.24 20.49 -7.07
CA ALA B 118 18.97 21.44 -8.18
C ALA B 118 19.13 22.90 -7.73
N ARG B 119 19.57 23.09 -6.47
CA ARG B 119 19.90 24.40 -5.93
C ARG B 119 20.80 24.21 -4.72
N HIS B 120 21.49 25.27 -4.33
CA HIS B 120 22.59 25.17 -3.38
C HIS B 120 22.10 24.77 -1.98
N GLY B 121 22.80 23.82 -1.38
CA GLY B 121 22.38 23.23 -0.11
C GLY B 121 23.30 23.55 1.05
N GLY B 122 23.57 22.52 1.86
CA GLY B 122 24.16 22.68 3.18
C GLY B 122 25.67 22.88 3.29
N TYR B 123 26.44 22.54 2.25
CA TYR B 123 27.91 22.62 2.31
C TYR B 123 28.40 24.05 2.02
N ALA B 124 27.89 25.00 2.78
CA ALA B 124 28.21 26.42 2.62
C ALA B 124 27.77 27.14 3.89
N GLN B 125 28.47 28.22 4.23
CA GLN B 125 28.24 28.91 5.51
C GLN B 125 26.85 29.52 5.59
N PHE B 126 26.26 29.82 4.43
CA PHE B 126 24.89 30.31 4.39
C PHE B 126 24.08 29.64 3.28
N ALA B 127 22.78 29.54 3.50
CA ALA B 127 21.84 29.01 2.50
C ALA B 127 20.53 29.79 2.55
N ARG B 128 19.80 29.77 1.44
CA ARG B 128 18.53 30.46 1.31
C ARG B 128 17.47 29.53 0.71
N VAL B 129 16.29 29.47 1.33
CA VAL B 129 15.22 28.58 0.88
C VAL B 129 13.86 29.26 1.06
N PRO B 130 12.85 28.83 0.29
CA PRO B 130 11.48 29.27 0.59
C PRO B 130 11.05 28.86 1.99
N ALA B 131 10.23 29.69 2.61
CA ALA B 131 9.69 29.39 3.93
C ALA B 131 8.82 28.15 3.86
N ASP B 132 8.24 27.91 2.68
CA ASP B 132 7.42 26.72 2.45
C ASP B 132 8.21 25.41 2.54
N TRP B 133 9.54 25.49 2.65
CA TRP B 133 10.42 24.32 2.70
C TRP B 133 11.17 24.18 4.01
N VAL B 134 10.82 25.00 5.01
CA VAL B 134 11.60 25.09 6.23
C VAL B 134 10.83 24.58 7.44
N VAL B 135 11.52 23.82 8.28
CA VAL B 135 10.96 23.26 9.51
C VAL B 135 11.63 23.93 10.71
N LYS B 136 10.82 24.40 11.64
CA LYS B 136 11.33 25.09 12.82
C LYS B 136 11.61 24.09 13.91
N LEU B 137 12.81 24.17 14.46
CA LEU B 137 13.22 23.29 15.55
C LEU B 137 12.71 23.77 16.89
N ASP B 138 12.36 22.84 17.75
CA ASP B 138 11.90 23.15 19.09
C ASP B 138 12.96 22.71 20.10
N GLY B 139 12.75 21.57 20.74
CA GLY B 139 13.73 21.01 21.64
C GLY B 139 15.02 20.63 20.93
N MET B 140 14.88 20.07 19.75
CA MET B 140 15.99 19.48 19.02
C MET B 140 17.04 20.51 18.66
N SER B 141 18.29 20.15 18.88
CA SER B 141 19.42 20.94 18.47
C SER B 141 19.63 20.81 16.98
N THR B 142 20.30 21.78 16.37
CA THR B 142 20.61 21.72 14.95
C THR B 142 21.49 20.53 14.61
N ARG B 143 22.42 20.20 15.49
CA ARG B 143 23.31 19.05 15.25
C ARG B 143 22.52 17.74 15.12
N THR B 144 21.59 17.53 16.03
CA THR B 144 20.71 16.38 16.03
C THR B 144 19.82 16.34 14.79
N ALA B 145 19.27 17.50 14.42
CA ALA B 145 18.46 17.61 13.22
C ALA B 145 19.27 17.07 12.06
N ALA B 146 20.49 17.56 11.87
CA ALA B 146 21.35 17.12 10.79
C ALA B 146 21.78 15.64 10.89
N ALA B 147 22.02 15.19 12.12
CA ALA B 147 22.43 13.81 12.35
C ALA B 147 21.30 12.84 11.93
N ILE B 148 20.08 13.21 12.25
CA ILE B 148 18.90 12.46 11.83
C ILE B 148 18.78 12.67 10.31
N GLY B 149 18.50 13.89 9.91
CA GLY B 149 18.56 14.26 8.50
C GLY B 149 17.54 13.52 7.64
N THR B 150 17.76 13.57 6.34
CA THR B 150 16.88 12.95 5.38
C THR B 150 16.78 11.44 5.64
N ALA B 151 17.91 10.80 5.88
CA ALA B 151 17.91 9.35 6.14
C ALA B 151 17.01 8.94 7.30
N GLY B 152 17.16 9.57 8.45
CA GLY B 152 16.36 9.22 9.63
C GLY B 152 14.90 9.61 9.47
N PHE B 153 14.69 10.74 8.81
CA PHE B 153 13.35 11.19 8.46
C PHE B 153 12.61 10.15 7.63
N THR B 154 13.30 9.62 6.62
CA THR B 154 12.75 8.59 5.75
C THR B 154 12.43 7.29 6.55
N ALA B 155 13.31 6.94 7.48
CA ALA B 155 13.06 5.78 8.36
C ALA B 155 11.79 6.03 9.19
N ALA B 156 11.68 7.23 9.74
CA ALA B 156 10.51 7.59 10.52
C ALA B 156 9.25 7.53 9.66
N MET B 157 9.29 8.02 8.41
CA MET B 157 8.12 7.88 7.54
C MET B 157 7.78 6.41 7.37
N SER B 158 8.81 5.57 7.23
CA SER B 158 8.57 4.15 6.95
C SER B 158 7.83 3.50 8.13
N VAL B 159 8.31 3.81 9.33
CA VAL B 159 7.63 3.36 10.56
C VAL B 159 6.17 3.87 10.67
N GLU B 160 5.95 5.13 10.31
CA GLU B 160 4.57 5.63 10.36
C GLU B 160 3.70 4.91 9.36
N ALA B 161 4.23 4.72 8.16
CA ALA B 161 3.49 4.06 7.12
C ALA B 161 3.05 2.66 7.58
N LEU B 162 3.98 1.88 8.13
CA LEU B 162 3.65 0.55 8.59
C LEU B 162 2.54 0.58 9.65
N GLN B 163 2.73 1.46 10.63
CA GLN B 163 1.72 1.63 11.69
C GLN B 163 0.40 2.11 11.14
N SER B 164 0.44 2.93 10.09
CA SER B 164 -0.78 3.39 9.40
C SER B 164 -1.58 2.25 8.77
N ARG B 165 -0.97 1.07 8.62
CA ARG B 165 -1.70 -0.08 8.09
C ARG B 165 -1.89 -1.18 9.12
N GLY B 166 -1.86 -0.82 10.41
CA GLY B 166 -2.17 -1.76 11.48
C GLY B 166 -1.05 -2.59 12.07
N VAL B 167 0.17 -2.39 11.58
CA VAL B 167 1.33 -3.12 12.08
C VAL B 167 1.66 -2.70 13.53
N GLU B 168 1.72 -3.71 14.40
CA GLU B 168 1.90 -3.51 15.83
CA GLU B 168 1.88 -3.52 15.83
C GLU B 168 2.82 -4.59 16.38
N PRO B 169 3.54 -4.29 17.47
CA PRO B 169 4.44 -5.36 17.93
C PRO B 169 3.73 -6.66 18.33
N GLY B 170 4.46 -7.75 18.27
CA GLY B 170 3.97 -9.01 18.78
C GLY B 170 3.08 -9.84 17.86
N ASN B 171 3.10 -9.60 16.56
CA ASN B 171 2.53 -10.58 15.63
C ASN B 171 3.59 -11.11 14.68
N GLY B 172 4.85 -11.02 15.10
CA GLY B 172 5.93 -11.56 14.31
C GLY B 172 7.03 -10.54 14.10
N PRO B 173 8.16 -11.00 13.56
CA PRO B 173 9.31 -10.16 13.30
C PRO B 173 9.07 -9.16 12.15
N VAL B 174 9.66 -7.98 12.30
CA VAL B 174 9.76 -6.98 11.22
C VAL B 174 11.13 -7.06 10.57
N LEU B 175 11.16 -7.26 9.25
CA LEU B 175 12.39 -7.27 8.48
C LEU B 175 12.80 -5.86 8.02
N VAL B 176 14.09 -5.57 8.11
CA VAL B 176 14.65 -4.35 7.50
C VAL B 176 15.71 -4.76 6.52
N THR B 177 15.49 -4.51 5.23
CA THR B 177 16.46 -4.86 4.20
C THR B 177 17.40 -3.71 3.95
N GLY B 178 18.53 -4.01 3.30
CA GLY B 178 19.61 -3.03 3.13
C GLY B 178 19.94 -2.34 4.43
N ALA B 179 19.88 -3.10 5.53
CA ALA B 179 19.81 -2.51 6.87
C ALA B 179 21.00 -1.63 7.28
N SER B 180 22.15 -1.82 6.62
CA SER B 180 23.35 -1.06 7.01
C SER B 180 23.40 0.36 6.45
N GLY B 181 22.54 0.68 5.47
CA GLY B 181 22.48 2.04 4.92
C GLY B 181 21.87 3.02 5.91
N GLY B 182 21.81 4.31 5.55
CA GLY B 182 21.36 5.36 6.46
C GLY B 182 19.92 5.23 6.92
N VAL B 183 19.04 4.83 6.02
CA VAL B 183 17.63 4.61 6.38
C VAL B 183 17.45 3.35 7.25
N GLY B 184 18.02 2.25 6.79
CA GLY B 184 17.95 0.97 7.49
C GLY B 184 18.38 1.05 8.95
N THR B 185 19.49 1.74 9.20
CA THR B 185 20.04 1.78 10.54
C THR B 185 19.11 2.46 11.50
N VAL B 186 18.53 3.60 11.09
CA VAL B 186 17.59 4.32 11.94
C VAL B 186 16.29 3.54 12.08
N ALA B 187 15.87 2.85 11.02
CA ALA B 187 14.68 1.99 11.11
C ALA B 187 14.79 0.92 12.19
N VAL B 188 15.95 0.27 12.28
CA VAL B 188 16.21 -0.80 13.25
C VAL B 188 16.07 -0.19 14.64
N ASP B 189 16.69 0.97 14.83
CA ASP B 189 16.63 1.68 16.08
C ASP B 189 15.18 2.02 16.48
N LEU B 190 14.46 2.66 15.58
CA LEU B 190 13.08 3.06 15.84
C LEU B 190 12.16 1.88 16.09
N LEU B 191 12.28 0.84 15.27
CA LEU B 191 11.36 -0.29 15.39
C LEU B 191 11.64 -1.08 16.67
N SER B 192 12.91 -1.32 16.97
CA SER B 192 13.29 -2.02 18.19
C SER B 192 12.83 -1.22 19.39
N ALA B 193 13.10 0.08 19.39
CA ALA B 193 12.70 0.95 20.52
C ALA B 193 11.21 1.06 20.72
N ALA B 194 10.42 0.81 19.68
CA ALA B 194 8.96 0.80 19.79
C ALA B 194 8.47 -0.59 20.14
N GLY B 195 9.39 -1.55 20.31
CA GLY B 195 9.04 -2.85 20.84
C GLY B 195 8.83 -3.93 19.82
N PHE B 196 9.22 -3.67 18.57
CA PHE B 196 9.19 -4.72 17.55
C PHE B 196 10.39 -5.63 17.68
N GLU B 197 10.18 -6.92 17.36
CA GLU B 197 11.27 -7.83 17.10
C GLU B 197 11.73 -7.55 15.68
N VAL B 198 12.93 -6.96 15.55
CA VAL B 198 13.52 -6.61 14.24
C VAL B 198 14.54 -7.66 13.76
N VAL B 199 14.40 -8.11 12.53
CA VAL B 199 15.46 -8.88 11.86
C VAL B 199 16.03 -7.99 10.79
N ALA B 200 17.33 -7.75 10.85
CA ALA B 200 18.01 -6.90 9.88
C ALA B 200 18.65 -7.75 8.78
N SER B 201 18.36 -7.45 7.52
CA SER B 201 19.03 -8.09 6.37
C SER B 201 20.07 -7.16 5.74
N SER B 202 21.31 -7.65 5.64
CA SER B 202 22.45 -6.86 5.14
C SER B 202 23.41 -7.75 4.31
N GLY B 203 23.96 -7.17 3.23
CA GLY B 203 24.97 -7.84 2.40
C GLY B 203 26.39 -7.54 2.87
N LYS B 204 26.50 -6.90 4.04
CA LYS B 204 27.77 -6.49 4.62
C LYS B 204 27.93 -7.11 6.00
N PRO B 205 28.52 -8.31 6.08
CA PRO B 205 28.64 -9.01 7.38
C PRO B 205 29.39 -8.21 8.44
N GLU B 206 30.34 -7.36 8.02
CA GLU B 206 31.08 -6.52 8.95
C GLU B 206 30.18 -5.57 9.75
N LYS B 207 28.98 -5.33 9.24
CA LYS B 207 28.05 -4.44 9.94
C LYS B 207 27.14 -5.10 10.96
N ALA B 208 27.23 -6.42 11.13
CA ALA B 208 26.23 -7.13 11.97
C ALA B 208 26.18 -6.67 13.42
N GLU B 209 27.33 -6.36 14.01
CA GLU B 209 27.37 -5.91 15.40
C GLU B 209 26.69 -4.56 15.60
N LEU B 210 26.96 -3.67 14.66
CA LEU B 210 26.41 -2.30 14.73
C LEU B 210 24.87 -2.41 14.70
N LEU B 211 24.37 -3.22 13.78
CA LEU B 211 22.92 -3.44 13.66
C LEU B 211 22.34 -4.05 14.92
N THR B 212 23.10 -4.95 15.54
CA THR B 212 22.71 -5.54 16.80
C THR B 212 22.71 -4.50 17.88
N GLN B 213 23.73 -3.63 17.88
CA GLN B 213 23.78 -2.54 18.86
C GLN B 213 22.59 -1.60 18.67
N LEU B 214 22.12 -1.45 17.45
CA LEU B 214 20.96 -0.60 17.20
C LEU B 214 19.62 -1.25 17.53
N GLY B 215 19.63 -2.55 17.86
CA GLY B 215 18.43 -3.23 18.35
C GLY B 215 17.98 -4.46 17.56
N ALA B 216 18.70 -4.83 16.52
CA ALA B 216 18.35 -6.01 15.74
C ALA B 216 18.43 -7.27 16.60
N SER B 217 17.36 -8.04 16.61
CA SER B 217 17.29 -9.33 17.29
C SER B 217 18.17 -10.32 16.60
N LYS B 218 18.29 -10.18 15.30
CA LYS B 218 19.08 -11.07 14.51
C LYS B 218 19.49 -10.30 13.29
N VAL B 219 20.60 -10.72 12.70
CA VAL B 219 21.06 -10.16 11.45
C VAL B 219 21.25 -11.28 10.48
N ILE B 220 20.73 -11.11 9.27
CA ILE B 220 20.83 -12.11 8.22
C ILE B 220 21.43 -11.48 6.99
N GLY B 221 21.74 -12.31 6.01
CA GLY B 221 22.41 -11.90 4.78
C GLY B 221 21.38 -11.41 3.77
N ARG B 222 21.76 -11.35 2.50
CA ARG B 222 20.89 -10.84 1.44
C ARG B 222 19.70 -11.76 1.17
N LEU B 223 18.65 -11.19 0.61
CA LEU B 223 17.47 -11.96 0.23
C LEU B 223 17.14 -11.72 -1.23
N PRO B 224 16.60 -12.74 -1.92
CA PRO B 224 16.38 -14.10 -1.45
C PRO B 224 17.72 -14.81 -1.27
N GLU B 225 17.75 -15.80 -0.39
CA GLU B 225 18.95 -16.61 -0.23
C GLU B 225 19.13 -17.45 -1.49
N PRO B 226 20.39 -17.60 -1.98
CA PRO B 226 20.71 -18.23 -3.27
C PRO B 226 19.95 -19.52 -3.63
N ASP B 227 19.65 -20.36 -2.64
CA ASP B 227 18.96 -21.64 -2.89
C ASP B 227 17.47 -21.48 -3.19
N THR B 228 16.89 -20.36 -2.75
CA THR B 228 15.42 -20.20 -2.71
C THR B 228 14.78 -20.14 -4.10
N LYS B 229 13.84 -21.06 -4.35
CA LYS B 229 12.97 -20.96 -5.53
C LYS B 229 11.92 -19.89 -5.25
N PRO B 230 11.73 -18.93 -6.18
CA PRO B 230 10.71 -17.92 -5.97
C PRO B 230 9.29 -18.48 -6.15
N ARG B 231 8.39 -18.19 -5.22
CA ARG B 231 6.99 -18.54 -5.39
C ARG B 231 6.14 -17.29 -5.24
N PRO B 232 4.98 -17.24 -5.93
CA PRO B 232 4.05 -16.13 -5.74
C PRO B 232 3.78 -15.92 -4.24
N LEU B 233 3.44 -16.99 -3.55
CA LEU B 233 3.33 -16.96 -2.10
C LEU B 233 4.29 -17.98 -1.47
N GLY B 234 5.32 -17.47 -0.82
CA GLY B 234 6.26 -18.29 -0.12
C GLY B 234 5.83 -18.42 1.30
N LYS B 235 6.67 -19.06 2.12
CA LYS B 235 6.40 -19.27 3.52
C LYS B 235 6.33 -17.91 4.18
N ALA B 236 5.21 -17.65 4.86
CA ALA B 236 5.01 -16.38 5.54
C ALA B 236 5.96 -16.28 6.69
N GLN B 237 6.82 -15.26 6.67
CA GLN B 237 7.81 -15.09 7.72
C GLN B 237 7.77 -13.76 8.44
N TRP B 238 7.36 -12.69 7.75
CA TRP B 238 7.54 -11.36 8.30
C TRP B 238 6.18 -10.71 8.51
N ALA B 239 6.03 -10.06 9.63
CA ALA B 239 4.79 -9.33 9.95
C ALA B 239 4.73 -8.05 9.09
N ALA B 240 5.89 -7.46 8.86
CA ALA B 240 6.06 -6.26 8.06
C ALA B 240 7.51 -6.20 7.63
N ALA B 241 7.81 -5.25 6.75
CA ALA B 241 9.20 -4.94 6.35
C ALA B 241 9.39 -3.48 6.02
N VAL B 242 10.59 -2.99 6.30
CA VAL B 242 11.08 -1.75 5.73
C VAL B 242 12.12 -2.17 4.67
N ASP B 243 11.82 -1.85 3.41
CA ASP B 243 12.69 -2.18 2.28
C ASP B 243 13.45 -0.99 1.74
N CYS B 244 14.76 -1.16 1.68
CA CYS B 244 15.68 -0.13 1.17
C CYS B 244 16.40 -0.60 -0.09
N VAL B 245 16.02 -1.75 -0.62
CA VAL B 245 16.77 -2.35 -1.71
C VAL B 245 16.03 -2.42 -3.03
N GLY B 246 14.76 -2.78 -3.00
CA GLY B 246 13.98 -2.91 -4.20
C GLY B 246 14.30 -4.21 -4.93
N GLY B 247 14.04 -4.22 -6.22
CA GLY B 247 14.29 -5.40 -7.08
C GLY B 247 13.85 -6.74 -6.54
N ALA B 248 14.72 -7.72 -6.69
CA ALA B 248 14.41 -9.12 -6.39
C ALA B 248 14.26 -9.38 -4.89
N THR B 249 14.91 -8.54 -4.09
CA THR B 249 14.72 -8.50 -2.66
C THR B 249 13.28 -8.15 -2.29
N LEU B 250 12.77 -7.07 -2.86
CA LEU B 250 11.42 -6.64 -2.52
C LEU B 250 10.42 -7.67 -3.00
N ALA B 251 10.62 -8.20 -4.22
CA ALA B 251 9.74 -9.23 -4.72
C ALA B 251 9.68 -10.44 -3.76
N HIS B 252 10.83 -10.79 -3.21
CA HIS B 252 10.89 -11.91 -2.26
C HIS B 252 10.18 -11.60 -0.95
N VAL B 253 10.42 -10.40 -0.42
CA VAL B 253 9.78 -9.91 0.80
C VAL B 253 8.25 -9.95 0.63
N LEU B 254 7.73 -9.44 -0.47
CA LEU B 254 6.28 -9.41 -0.67
C LEU B 254 5.73 -10.83 -0.61
N SER B 255 6.45 -11.78 -1.22
CA SER B 255 5.98 -13.18 -1.25
C SER B 255 6.00 -13.86 0.16
N THR B 256 6.67 -13.23 1.12
CA THR B 256 6.88 -13.81 2.48
C THR B 256 6.33 -12.98 3.64
N ILE B 257 5.58 -11.93 3.31
CA ILE B 257 4.86 -11.17 4.34
C ILE B 257 3.62 -11.96 4.78
N GLU B 258 3.41 -12.02 6.09
CA GLU B 258 2.21 -12.62 6.67
C GLU B 258 0.91 -11.93 6.29
N TYR B 259 -0.20 -12.65 6.43
CA TYR B 259 -1.54 -12.11 6.17
C TYR B 259 -1.69 -10.76 6.82
N GLY B 260 -2.14 -9.78 6.04
CA GLY B 260 -2.47 -8.45 6.58
C GLY B 260 -1.28 -7.55 6.84
N GLY B 261 -0.06 -8.00 6.58
CA GLY B 261 1.10 -7.14 6.83
C GLY B 261 1.36 -6.12 5.73
N ALA B 262 2.45 -5.38 5.87
CA ALA B 262 2.73 -4.26 4.98
C ALA B 262 4.21 -4.08 4.82
N VAL B 263 4.61 -3.49 3.70
CA VAL B 263 6.00 -3.19 3.40
C VAL B 263 6.10 -1.72 3.05
N ALA B 264 7.04 -1.03 3.67
CA ALA B 264 7.37 0.37 3.35
C ALA B 264 8.55 0.39 2.42
N ALA B 265 8.36 0.86 1.19
CA ALA B 265 9.43 0.81 0.15
C ALA B 265 10.06 2.17 0.06
N SER B 266 11.33 2.22 0.41
CA SER B 266 12.04 3.47 0.66
C SER B 266 13.20 3.68 -0.28
N GLY B 267 13.69 2.62 -0.89
CA GLY B 267 15.01 2.70 -1.50
C GLY B 267 15.16 1.79 -2.68
N LEU B 268 16.25 2.02 -3.39
CA LEU B 268 16.51 1.32 -4.62
C LEU B 268 18.02 1.09 -4.73
N THR B 269 18.41 -0.16 -4.93
CA THR B 269 19.77 -0.55 -5.22
C THR B 269 19.65 -1.52 -6.36
N GLY B 270 20.27 -1.20 -7.49
CA GLY B 270 20.05 -1.95 -8.70
C GLY B 270 18.99 -1.26 -9.53
N GLY B 271 18.48 -1.98 -10.52
CA GLY B 271 17.51 -1.41 -11.45
C GLY B 271 16.17 -1.21 -10.76
N PRO B 272 15.29 -0.43 -11.40
CA PRO B 272 14.01 -0.13 -10.79
C PRO B 272 12.95 -1.21 -11.01
N LYS B 273 13.23 -2.23 -11.80
CA LYS B 273 12.19 -3.15 -12.22
C LYS B 273 11.73 -3.96 -11.02
N LEU B 274 10.44 -4.26 -10.95
CA LEU B 274 9.89 -5.11 -9.90
C LEU B 274 9.04 -6.20 -10.54
N GLU B 275 9.50 -7.44 -10.44
CA GLU B 275 8.74 -8.55 -11.01
C GLU B 275 8.12 -9.37 -9.88
N THR B 276 6.81 -9.18 -9.68
CA THR B 276 6.13 -9.83 -8.56
C THR B 276 4.83 -10.47 -9.04
N THR B 277 3.92 -10.76 -8.12
CA THR B 277 2.56 -11.15 -8.49
C THR B 277 1.59 -10.36 -7.63
N VAL B 278 0.32 -10.44 -8.02
CA VAL B 278 -0.75 -9.79 -7.26
C VAL B 278 -1.22 -10.64 -6.08
N LEU B 279 -0.70 -11.85 -5.92
CA LEU B 279 -1.22 -12.80 -4.93
C LEU B 279 -1.06 -12.40 -3.48
N PRO B 280 0.10 -11.88 -3.10
CA PRO B 280 0.21 -11.39 -1.73
C PRO B 280 -0.77 -10.28 -1.40
N PHE B 281 -1.06 -9.46 -2.39
CA PHE B 281 -2.02 -8.37 -2.21
C PHE B 281 -3.43 -8.93 -2.11
N ILE B 282 -3.86 -9.71 -3.09
CA ILE B 282 -5.26 -10.11 -3.14
C ILE B 282 -5.58 -11.32 -2.27
N LEU B 283 -4.62 -12.22 -2.06
CA LEU B 283 -4.85 -13.41 -1.23
C LEU B 283 -4.37 -13.21 0.19
N ARG B 284 -3.31 -12.41 0.40
CA ARG B 284 -2.85 -12.13 1.77
C ARG B 284 -3.11 -10.74 2.32
N GLY B 285 -3.77 -9.87 1.58
CA GLY B 285 -4.11 -8.53 2.10
C GLY B 285 -2.89 -7.69 2.44
N VAL B 286 -1.79 -7.92 1.74
CA VAL B 286 -0.57 -7.15 1.94
C VAL B 286 -0.69 -5.73 1.32
N SER B 287 -0.05 -4.76 1.97
CA SER B 287 0.10 -3.41 1.47
C SER B 287 1.55 -3.07 1.19
N LEU B 288 1.79 -2.43 0.05
CA LEU B 288 3.10 -1.86 -0.32
C LEU B 288 2.99 -0.33 -0.33
N LEU B 289 3.69 0.32 0.58
CA LEU B 289 3.57 1.76 0.83
C LEU B 289 4.86 2.47 0.37
N GLY B 290 4.75 3.28 -0.66
CA GLY B 290 5.89 3.98 -1.21
C GLY B 290 6.25 5.18 -0.35
N ILE B 291 7.51 5.27 0.01
CA ILE B 291 8.00 6.30 0.90
C ILE B 291 8.81 7.28 0.09
N ASP B 292 8.37 8.54 0.05
CA ASP B 292 9.13 9.64 -0.58
C ASP B 292 9.24 10.81 0.36
N SER B 293 10.46 11.13 0.75
CA SER B 293 10.68 12.26 1.63
C SER B 293 10.95 13.55 0.86
N VAL B 294 11.31 13.43 -0.42
CA VAL B 294 11.75 14.62 -1.17
C VAL B 294 10.59 15.63 -1.35
N GLN B 295 9.44 15.15 -1.80
CA GLN B 295 8.27 16.01 -2.09
C GLN B 295 7.17 15.90 -1.01
N TYR B 296 7.46 15.25 0.10
CA TYR B 296 6.50 15.13 1.19
C TYR B 296 5.96 16.54 1.61
N PRO B 297 4.62 16.68 1.74
CA PRO B 297 4.02 18.01 2.02
C PRO B 297 4.53 18.62 3.31
N ILE B 298 4.85 19.92 3.26
CA ILE B 298 5.52 20.60 4.37
C ILE B 298 4.78 20.51 5.71
N ASP B 299 3.47 20.65 5.69
CA ASP B 299 2.66 20.48 6.90
C ASP B 299 2.94 19.13 7.59
N GLN B 300 2.98 18.05 6.81
CA GLN B 300 3.26 16.72 7.34
C GLN B 300 4.72 16.59 7.79
N ARG B 301 5.63 17.09 6.96
CA ARG B 301 7.05 17.13 7.28
C ARG B 301 7.31 17.77 8.66
N ARG B 302 6.74 18.96 8.87
CA ARG B 302 6.86 19.63 10.18
C ARG B 302 6.27 18.75 11.27
N ARG B 303 5.09 18.18 11.05
CA ARG B 303 4.49 17.34 12.06
C ARG B 303 5.46 16.19 12.39
N LEU B 304 6.03 15.56 11.37
CA LEU B 304 6.89 14.38 11.62
C LEU B 304 8.13 14.72 12.42
N TRP B 305 8.68 15.90 12.16
CA TRP B 305 9.84 16.37 12.90
C TRP B 305 9.51 16.51 14.37
N GLY B 306 8.28 16.89 14.67
CA GLY B 306 7.87 16.99 16.07
C GLY B 306 7.97 15.64 16.73
N ARG B 307 7.58 14.60 16.02
CA ARG B 307 7.74 13.25 16.51
C ARG B 307 9.19 12.86 16.67
N LEU B 308 10.01 13.29 15.74
CA LEU B 308 11.43 12.98 15.77
C LEU B 308 12.06 13.62 17.00
N ALA B 309 11.55 14.80 17.35
CA ALA B 309 11.90 15.48 18.58
C ALA B 309 11.44 14.70 19.81
N SER B 310 10.29 14.06 19.72
CA SER B 310 9.71 13.38 20.86
C SER B 310 9.64 11.86 20.79
N ASP B 311 8.47 11.32 20.45
CA ASP B 311 8.24 9.88 20.52
C ASP B 311 8.92 9.03 19.45
N LEU B 312 9.38 9.68 18.40
CA LEU B 312 10.07 8.98 17.32
C LEU B 312 11.55 9.32 17.27
N ALA B 313 12.10 9.82 18.37
CA ALA B 313 13.52 10.11 18.40
C ALA B 313 14.32 8.83 18.32
N PRO B 314 15.38 8.82 17.51
CA PRO B 314 16.28 7.65 17.47
C PRO B 314 17.23 7.69 18.67
N SER B 315 17.00 6.80 19.64
CA SER B 315 17.76 6.80 20.90
C SER B 315 19.25 6.45 20.76
N ARG B 316 19.57 5.55 19.84
CA ARG B 316 20.92 5.00 19.76
C ARG B 316 21.73 5.53 18.58
N LEU B 317 21.28 6.63 18.00
CA LEU B 317 21.93 7.22 16.82
C LEU B 317 23.22 7.95 17.18
N GLU B 318 23.17 8.69 18.29
CA GLU B 318 24.34 9.40 18.80
C GLU B 318 25.54 8.46 18.91
N SER B 319 25.31 7.24 19.39
CA SER B 319 26.41 6.30 19.60
C SER B 319 27.16 5.91 18.32
N ILE B 320 26.59 6.16 17.15
CA ILE B 320 27.31 5.93 15.87
C ILE B 320 27.56 7.22 15.07
N THR B 321 27.28 8.37 15.69
CA THR B 321 27.49 9.66 15.03
C THR B 321 28.97 10.05 15.19
N HIS B 322 29.54 10.65 14.13
CA HIS B 322 30.92 11.17 14.14
C HIS B 322 30.89 12.56 13.52
N ASP B 323 31.53 13.53 14.18
CA ASP B 323 31.58 14.90 13.69
C ASP B 323 32.69 15.03 12.68
N VAL B 324 32.36 15.58 11.53
CA VAL B 324 33.30 15.74 10.44
C VAL B 324 33.35 17.22 10.11
N PRO B 325 34.50 17.88 10.35
CA PRO B 325 34.66 19.28 9.94
C PRO B 325 34.41 19.43 8.43
N ILE B 326 33.63 20.44 8.04
CA ILE B 326 33.36 20.70 6.62
C ILE B 326 34.61 20.60 5.75
N ALA B 327 35.73 21.11 6.25
CA ALA B 327 37.00 21.08 5.51
C ALA B 327 37.49 19.68 5.16
N ASP B 328 37.15 18.69 5.99
CA ASP B 328 37.58 17.29 5.81
C ASP B 328 36.54 16.41 5.11
N VAL B 329 35.56 17.05 4.46
CA VAL B 329 34.36 16.33 3.99
C VAL B 329 34.65 15.36 2.83
N VAL B 330 35.52 15.78 1.91
CA VAL B 330 35.85 14.94 0.73
C VAL B 330 36.33 13.55 1.14
N SER B 331 37.12 13.46 2.20
CA SER B 331 37.59 12.16 2.71
C SER B 331 36.43 11.22 3.02
N VAL B 332 35.43 11.72 3.75
CA VAL B 332 34.29 10.92 4.16
C VAL B 332 33.42 10.56 2.95
N ILE B 333 33.11 11.56 2.13
CA ILE B 333 32.39 11.37 0.87
C ILE B 333 32.96 10.20 0.08
N ASP B 334 34.28 10.15 0.00
CA ASP B 334 34.94 9.06 -0.72
C ASP B 334 34.69 7.69 -0.08
N GLN B 335 34.73 7.62 1.26
CA GLN B 335 34.50 6.36 1.98
C GLN B 335 33.06 5.92 1.93
N VAL B 336 32.17 6.91 1.94
CA VAL B 336 30.74 6.64 1.79
C VAL B 336 30.46 6.09 0.39
N ARG B 337 31.04 6.73 -0.64
CA ARG B 337 30.91 6.24 -2.00
C ARG B 337 31.46 4.83 -2.13
N ALA B 338 32.61 4.58 -1.50
CA ALA B 338 33.21 3.24 -1.51
C ALA B 338 32.46 2.23 -0.63
N GLY B 339 31.57 2.72 0.23
CA GLY B 339 30.79 1.86 1.11
C GLY B 339 31.60 1.30 2.28
N THR B 340 32.63 2.03 2.71
CA THR B 340 33.50 1.59 3.79
C THR B 340 33.44 2.49 5.02
N TYR B 341 32.61 3.53 4.98
CA TYR B 341 32.47 4.43 6.11
C TYR B 341 31.66 3.75 7.21
N SER B 342 32.07 3.92 8.46
CA SER B 342 31.31 3.36 9.57
C SER B 342 30.53 4.46 10.28
N GLY B 343 29.24 4.24 10.44
CA GLY B 343 28.39 5.13 11.21
C GLY B 343 27.83 6.29 10.40
N ARG B 344 27.37 7.29 11.14
CA ARG B 344 26.70 8.46 10.61
C ARG B 344 27.62 9.68 10.70
N ALA B 345 27.80 10.38 9.58
CA ALA B 345 28.66 11.58 9.53
C ALA B 345 27.85 12.86 9.61
N VAL B 346 28.03 13.62 10.70
CA VAL B 346 27.41 14.96 10.81
C VAL B 346 28.48 16.02 10.57
N VAL B 347 28.23 16.86 9.57
CA VAL B 347 29.25 17.76 9.04
C VAL B 347 29.16 19.09 9.77
N ALA B 348 30.21 19.42 10.51
CA ALA B 348 30.29 20.71 11.21
C ALA B 348 30.74 21.78 10.22
N VAL B 349 29.83 22.71 9.94
CA VAL B 349 30.07 23.78 8.97
C VAL B 349 30.47 25.06 9.71
N ALA B 350 29.54 25.63 10.48
CA ALA B 350 29.78 26.90 11.17
C ALA B 350 29.59 26.92 12.70
N PRO B 351 29.59 25.75 13.37
CA PRO B 351 29.30 25.84 14.81
C PRO B 351 30.47 26.41 15.63
#